data_8ZAV
#
_entry.id   8ZAV
#
_cell.length_a   103.440
_cell.length_b   103.440
_cell.length_c   134.950
_cell.angle_alpha   90.00
_cell.angle_beta   90.00
_cell.angle_gamma   120.00
#
_symmetry.space_group_name_H-M   'P 61'
#
loop_
_entity.id
_entity.type
_entity.pdbx_description
1 polymer 'NAD-dependent epimerase/dehydratase domain-containing protein'
2 non-polymer 'NADP NICOTINAMIDE-ADENINE-DINUCLEOTIDE PHOSPHATE'
3 non-polymer 1,2-ETHANEDIOL
4 water water
#
_entity_poly.entity_id   1
_entity_poly.type   'polypeptide(L)'
_entity_poly.pdbx_seq_one_letter_code
;MSVLISGAYGYIAKHIVRVLLEQNYKVIGTVRSQDKADKLLKQYNNPNLSYEIVPEIANLDAFDDIFKKHGKEIKYVIHA
ASPVNFGAKDLEKDLVIPAINGTKNMFEAIKKYAPDTVERVVMTASYASIMTPHRQNDPTLTLDEETWNPVTEENAYENV
KTAYCASKTFAEKEAWKFVKENSDAVKFKLTTIHPSFVFGPQNFDEDVTKKLNETCEIINGLLHAPFDTKVEKTHFSQFI
DVRDVAKTHVLGFQKDELINQRLLLCNGAFSQQDIVNVFNEDFPELKGQFPPEDKDTDLNKGVTGCKIDNEKTKKLLAFE
FTPFHKTIHDTVYQILHKEGRV
;
_entity_poly.pdbx_strand_id   A,B
#
loop_
_chem_comp.id
_chem_comp.type
_chem_comp.name
_chem_comp.formula
EDO non-polymer 1,2-ETHANEDIOL 'C2 H6 O2'
NAP non-polymer 'NADP NICOTINAMIDE-ADENINE-DINUCLEOTIDE PHOSPHATE' 'C21 H28 N7 O17 P3'
#
# COMPACT_ATOMS: atom_id res chain seq x y z
N MET A 1 -11.17 -1.07 -32.59
CA MET A 1 -10.22 -0.48 -31.60
C MET A 1 -10.41 1.03 -31.38
N SER A 2 -11.66 1.53 -31.37
CA SER A 2 -11.92 2.96 -31.15
C SER A 2 -12.28 3.29 -29.68
N VAL A 3 -12.02 4.53 -29.27
CA VAL A 3 -12.26 5.00 -27.92
C VAL A 3 -13.26 6.15 -27.91
N LEU A 4 -14.40 5.93 -27.27
CA LEU A 4 -15.38 7.00 -27.06
C LEU A 4 -15.10 7.72 -25.75
N ILE A 5 -14.84 9.02 -25.79
CA ILE A 5 -14.75 9.81 -24.55
C ILE A 5 -15.88 10.83 -24.53
N SER A 6 -16.73 10.74 -23.51
CA SER A 6 -17.84 11.68 -23.35
C SER A 6 -17.36 12.97 -22.68
N GLY A 7 -17.88 14.10 -23.13
CA GLY A 7 -17.56 15.39 -22.53
C GLY A 7 -16.14 15.77 -22.83
N ALA A 8 -15.84 15.80 -24.12
CA ALA A 8 -14.46 15.90 -24.62
C ALA A 8 -13.88 17.32 -24.69
N TYR A 9 -14.66 18.33 -24.30
CA TYR A 9 -14.17 19.70 -24.26
C TYR A 9 -13.62 20.01 -22.87
N GLY A 10 -13.85 19.08 -21.94
CA GLY A 10 -13.51 19.29 -20.53
C GLY A 10 -12.03 19.49 -20.30
N TYR A 11 -11.71 20.31 -19.30
CA TYR A 11 -10.33 20.54 -18.86
C TYR A 11 -9.52 19.23 -18.84
N ILE A 12 -10.07 18.26 -18.13
CA ILE A 12 -9.42 16.98 -17.96
C ILE A 12 -9.49 16.17 -19.25
N ALA A 13 -10.68 16.10 -19.85
CA ALA A 13 -10.88 15.26 -21.03
C ALA A 13 -9.99 15.67 -22.21
N LYS A 14 -9.60 16.95 -22.26
CA LYS A 14 -8.69 17.43 -23.31
C LYS A 14 -7.25 16.94 -23.13
N HIS A 15 -6.84 16.68 -21.88
CA HIS A 15 -5.58 15.98 -21.66
C HIS A 15 -5.71 14.50 -22.00
N ILE A 16 -6.84 13.90 -21.65
CA ILE A 16 -7.07 12.49 -21.95
C ILE A 16 -6.96 12.23 -23.45
N VAL A 17 -7.58 13.12 -24.23
CA VAL A 17 -7.54 13.03 -25.69
C VAL A 17 -6.10 13.16 -26.18
N ARG A 18 -5.38 14.14 -25.62
CA ARG A 18 -3.99 14.34 -25.94
C ARG A 18 -3.24 13.03 -25.80
N VAL A 19 -3.44 12.34 -24.69
CA VAL A 19 -2.75 11.09 -24.41
C VAL A 19 -3.23 9.97 -25.33
N LEU A 20 -4.54 9.87 -25.53
CA LEU A 20 -5.09 8.87 -26.42
C LEU A 20 -4.43 8.94 -27.79
N LEU A 21 -4.30 10.17 -28.30
CA LEU A 21 -3.70 10.39 -29.61
C LEU A 21 -2.20 10.12 -29.60
N GLU A 22 -1.51 10.57 -28.56
CA GLU A 22 -0.10 10.26 -28.39
C GLU A 22 0.16 8.79 -28.64
N GLN A 23 -0.78 7.94 -28.20
CA GLN A 23 -0.64 6.49 -28.34
C GLN A 23 -1.36 5.93 -29.56
N ASN A 24 -1.60 6.79 -30.55
CA ASN A 24 -2.20 6.40 -31.81
C ASN A 24 -3.48 5.59 -31.65
N TYR A 25 -4.45 6.18 -30.95
CA TYR A 25 -5.80 5.63 -30.82
C TYR A 25 -6.76 6.44 -31.67
N LYS A 26 -7.80 5.77 -32.17
CA LYS A 26 -8.90 6.47 -32.85
C LYS A 26 -9.91 6.93 -31.80
N VAL A 27 -10.03 8.25 -31.64
CA VAL A 27 -10.84 8.84 -30.59
C VAL A 27 -12.13 9.46 -31.14
N ILE A 28 -13.25 9.14 -30.48
CA ILE A 28 -14.53 9.79 -30.73
C ILE A 28 -14.93 10.55 -29.48
N GLY A 29 -14.75 11.86 -29.48
CA GLY A 29 -15.21 12.68 -28.35
C GLY A 29 -16.68 12.97 -28.49
N THR A 30 -17.38 13.25 -27.40
CA THR A 30 -18.70 13.85 -27.51
C THR A 30 -18.66 15.27 -26.94
N VAL A 31 -19.43 16.15 -27.58
CA VAL A 31 -19.49 17.54 -27.20
C VAL A 31 -20.92 18.06 -27.32
N ARG A 32 -21.17 19.18 -26.66
CA ARG A 32 -22.51 19.74 -26.60
C ARG A 32 -22.97 20.21 -27.98
N SER A 33 -22.19 21.06 -28.63
CA SER A 33 -22.60 21.71 -29.88
C SER A 33 -21.59 21.50 -30.99
N GLN A 34 -22.00 21.88 -32.20
CA GLN A 34 -21.13 21.88 -33.40
C GLN A 34 -20.08 23.00 -33.32
N ASP A 35 -20.50 24.15 -32.80
CA ASP A 35 -19.61 25.23 -32.38
C ASP A 35 -18.32 24.70 -31.78
N LYS A 36 -18.47 23.77 -30.83
CA LYS A 36 -17.34 23.21 -30.08
C LYS A 36 -16.67 22.02 -30.78
N ALA A 37 -17.45 21.22 -31.51
CA ALA A 37 -16.89 20.11 -32.32
C ALA A 37 -15.96 20.62 -33.41
N ASP A 38 -16.12 21.88 -33.79
CA ASP A 38 -15.20 22.57 -34.69
C ASP A 38 -13.97 23.06 -33.93
N LYS A 39 -14.16 23.93 -32.94
CA LYS A 39 -13.02 24.50 -32.17
C LYS A 39 -11.97 23.45 -31.84
N LEU A 40 -12.41 22.29 -31.35
CA LEU A 40 -11.49 21.24 -30.91
C LEU A 40 -10.68 20.64 -32.05
N LEU A 41 -11.36 20.20 -33.11
CA LEU A 41 -10.67 19.58 -34.24
C LEU A 41 -9.55 20.46 -34.81
N LYS A 42 -9.77 21.77 -34.87
CA LYS A 42 -8.72 22.69 -35.33
C LYS A 42 -7.53 22.66 -34.36
N GLN A 43 -7.82 22.65 -33.07
CA GLN A 43 -6.77 22.60 -32.05
C GLN A 43 -5.93 21.33 -32.18
N TYR A 44 -6.59 20.18 -32.17
CA TYR A 44 -5.91 18.88 -32.22
C TYR A 44 -5.35 18.57 -33.59
N ASN A 45 -6.06 19.01 -34.62
CA ASN A 45 -5.60 18.83 -35.99
C ASN A 45 -5.08 17.43 -36.22
N ASN A 46 -5.96 16.45 -36.02
CA ASN A 46 -5.60 15.04 -36.06
C ASN A 46 -6.66 14.27 -36.80
N PRO A 47 -6.27 13.45 -37.78
CA PRO A 47 -7.25 12.68 -38.57
C PRO A 47 -7.91 11.51 -37.83
N ASN A 48 -7.39 11.15 -36.66
CA ASN A 48 -8.00 10.10 -35.83
C ASN A 48 -9.11 10.59 -34.91
N LEU A 49 -9.23 11.91 -34.75
CA LEU A 49 -10.24 12.50 -33.89
C LEU A 49 -11.54 12.73 -34.66
N SER A 50 -12.62 12.12 -34.20
CA SER A 50 -13.98 12.42 -34.70
C SER A 50 -14.86 12.89 -33.52
N TYR A 51 -15.99 13.51 -33.83
CA TYR A 51 -16.90 14.03 -32.80
C TYR A 51 -18.34 13.68 -33.07
N GLU A 52 -19.11 13.52 -31.99
CA GLU A 52 -20.55 13.32 -32.08
C GLU A 52 -21.22 14.30 -31.16
N ILE A 53 -22.36 14.83 -31.59
CA ILE A 53 -23.06 15.86 -30.82
C ILE A 53 -23.98 15.19 -29.80
N VAL A 54 -23.73 15.45 -28.51
CA VAL A 54 -24.63 15.09 -27.43
C VAL A 54 -24.81 16.33 -26.57
N PRO A 55 -25.87 17.11 -26.85
CA PRO A 55 -26.09 18.41 -26.20
C PRO A 55 -26.43 18.31 -24.73
N GLU A 56 -27.22 17.32 -24.38
CA GLU A 56 -27.59 17.09 -23.00
C GLU A 56 -27.53 15.59 -22.72
N ILE A 57 -26.77 15.21 -21.71
CA ILE A 57 -26.63 13.81 -21.33
C ILE A 57 -27.80 13.31 -20.50
N ALA A 58 -28.47 14.23 -19.81
CA ALA A 58 -29.63 13.87 -19.00
C ALA A 58 -30.82 13.44 -19.87
N ASN A 59 -30.88 13.96 -21.10
CA ASN A 59 -32.02 13.69 -21.98
C ASN A 59 -32.16 12.22 -22.32
N LEU A 60 -33.39 11.82 -22.61
CA LEU A 60 -33.72 10.46 -22.97
C LEU A 60 -32.67 9.85 -23.89
N ASP A 61 -32.29 8.59 -23.63
CA ASP A 61 -31.49 7.81 -24.58
C ASP A 61 -30.29 8.57 -25.17
N ALA A 62 -29.74 9.53 -24.40
CA ALA A 62 -28.79 10.53 -24.92
C ALA A 62 -27.59 10.03 -25.74
N PHE A 63 -27.18 8.78 -25.53
CA PHE A 63 -26.01 8.22 -26.21
C PHE A 63 -26.34 7.08 -27.19
N ASP A 64 -27.62 6.87 -27.49
CA ASP A 64 -28.01 5.72 -28.32
C ASP A 64 -27.61 5.90 -29.80
N ASP A 65 -27.63 7.15 -30.27
CA ASP A 65 -27.25 7.48 -31.66
C ASP A 65 -25.79 7.15 -31.95
N ILE A 66 -24.93 7.50 -31.00
CA ILE A 66 -23.50 7.20 -31.12
C ILE A 66 -23.28 5.69 -31.33
N PHE A 67 -24.08 4.88 -30.65
CA PHE A 67 -23.92 3.43 -30.72
C PHE A 67 -24.71 2.73 -31.85
N LYS A 68 -25.69 3.40 -32.45
CA LYS A 68 -26.24 2.91 -33.70
C LYS A 68 -25.14 3.06 -34.76
N LYS A 69 -24.59 4.27 -34.83
CA LYS A 69 -23.61 4.66 -35.84
C LYS A 69 -22.27 3.93 -35.65
N HIS A 70 -21.53 4.28 -34.60
CA HIS A 70 -20.19 3.73 -34.37
C HIS A 70 -20.22 2.45 -33.51
N GLY A 71 -21.25 1.62 -33.68
CA GLY A 71 -21.52 0.53 -32.75
C GLY A 71 -20.48 -0.57 -32.71
N LYS A 72 -20.14 -1.05 -33.90
CA LYS A 72 -19.21 -2.17 -34.03
C LYS A 72 -17.80 -1.77 -33.61
N GLU A 73 -17.45 -0.49 -33.79
CA GLU A 73 -16.04 -0.04 -33.76
C GLU A 73 -15.52 0.47 -32.42
N ILE A 74 -16.40 0.70 -31.44
CA ILE A 74 -15.98 1.20 -30.12
C ILE A 74 -15.68 0.04 -29.16
N LYS A 75 -14.40 -0.11 -28.79
CA LYS A 75 -13.94 -1.15 -27.87
C LYS A 75 -13.82 -0.64 -26.43
N TYR A 76 -13.41 0.61 -26.27
CA TYR A 76 -13.22 1.22 -24.95
C TYR A 76 -13.97 2.54 -24.83
N VAL A 77 -14.51 2.80 -23.64
CA VAL A 77 -15.33 3.98 -23.36
C VAL A 77 -14.79 4.72 -22.14
N ILE A 78 -14.69 6.04 -22.23
CA ILE A 78 -14.28 6.88 -21.09
C ILE A 78 -15.35 7.90 -20.79
N HIS A 79 -16.27 7.55 -19.88
CA HIS A 79 -17.36 8.46 -19.49
C HIS A 79 -16.88 9.52 -18.50
N ALA A 80 -16.56 10.70 -19.03
CA ALA A 80 -16.02 11.80 -18.23
C ALA A 80 -16.97 13.02 -18.18
N ALA A 81 -18.20 12.83 -18.67
CA ALA A 81 -19.17 13.91 -18.76
C ALA A 81 -20.03 13.97 -17.50
N SER A 82 -19.74 14.96 -16.66
CA SER A 82 -20.55 15.25 -15.47
C SER A 82 -20.42 16.74 -15.15
N PRO A 83 -21.52 17.38 -14.74
CA PRO A 83 -21.48 18.82 -14.48
C PRO A 83 -20.59 19.19 -13.33
N VAL A 84 -19.85 20.28 -13.50
CA VAL A 84 -19.02 20.85 -12.47
C VAL A 84 -19.36 22.32 -12.37
N ASN A 85 -20.15 22.67 -11.36
CA ASN A 85 -20.63 24.03 -11.19
C ASN A 85 -20.69 24.36 -9.70
N PHE A 86 -19.84 25.28 -9.27
CA PHE A 86 -19.75 25.65 -7.86
C PHE A 86 -20.75 26.74 -7.47
N GLY A 87 -21.41 27.35 -8.45
CA GLY A 87 -22.45 28.34 -8.21
C GLY A 87 -23.86 27.90 -8.60
N ALA A 88 -24.05 26.60 -8.79
CA ALA A 88 -25.32 26.08 -9.27
C ALA A 88 -26.48 26.48 -8.37
N LYS A 89 -27.56 26.98 -8.99
CA LYS A 89 -28.76 27.41 -8.27
C LYS A 89 -29.81 26.31 -8.20
N ASP A 90 -30.01 25.59 -9.31
CA ASP A 90 -30.98 24.49 -9.32
C ASP A 90 -30.28 23.15 -9.10
N LEU A 91 -30.06 22.79 -7.85
CA LEU A 91 -29.19 21.70 -7.47
C LEU A 91 -29.57 20.36 -8.08
N GLU A 92 -30.84 20.02 -8.10
CA GLU A 92 -31.28 18.74 -8.68
C GLU A 92 -31.07 18.74 -10.21
N LYS A 93 -31.52 19.82 -10.86
CA LYS A 93 -31.42 19.99 -12.31
C LYS A 93 -29.96 20.18 -12.75
N ASP A 94 -29.25 21.10 -12.08
CA ASP A 94 -27.90 21.52 -12.47
C ASP A 94 -26.80 20.51 -12.17
N LEU A 95 -27.01 19.60 -11.21
CA LEU A 95 -25.94 18.69 -10.76
C LEU A 95 -26.37 17.25 -10.75
N VAL A 96 -27.31 16.92 -9.89
CA VAL A 96 -27.59 15.53 -9.58
C VAL A 96 -28.18 14.77 -10.77
N ILE A 97 -29.19 15.35 -11.41
CA ILE A 97 -29.95 14.62 -12.44
C ILE A 97 -29.06 14.24 -13.62
N PRO A 98 -28.26 15.19 -14.14
CA PRO A 98 -27.37 14.83 -15.24
C PRO A 98 -26.29 13.83 -14.85
N ALA A 99 -25.69 14.04 -13.68
CA ALA A 99 -24.71 13.10 -13.15
C ALA A 99 -25.24 11.67 -13.20
N ILE A 100 -26.45 11.47 -12.70
CA ILE A 100 -27.06 10.15 -12.64
C ILE A 100 -27.56 9.72 -14.02
N ASN A 101 -28.51 10.47 -14.58
CA ASN A 101 -29.13 10.08 -15.85
C ASN A 101 -28.14 9.99 -17.00
N GLY A 102 -27.11 10.83 -16.96
CA GLY A 102 -26.05 10.80 -17.97
C GLY A 102 -25.32 9.48 -17.95
N THR A 103 -25.12 8.98 -16.75
CA THR A 103 -24.43 7.71 -16.54
C THR A 103 -25.31 6.49 -16.90
N LYS A 104 -26.59 6.55 -16.54
CA LYS A 104 -27.53 5.47 -16.90
C LYS A 104 -27.70 5.39 -18.42
N ASN A 105 -27.71 6.55 -19.07
CA ASN A 105 -27.83 6.62 -20.52
C ASN A 105 -26.61 6.00 -21.18
N MET A 106 -25.43 6.40 -20.73
CA MET A 106 -24.19 5.85 -21.27
C MET A 106 -24.19 4.34 -21.18
N PHE A 107 -24.58 3.84 -20.01
CA PHE A 107 -24.52 2.41 -19.73
C PHE A 107 -25.62 1.66 -20.47
N GLU A 108 -26.86 2.13 -20.35
CA GLU A 108 -27.99 1.51 -21.03
C GLU A 108 -27.80 1.52 -22.55
N ALA A 109 -27.08 2.52 -23.06
CA ALA A 109 -26.71 2.57 -24.48
C ALA A 109 -25.79 1.42 -24.85
N ILE A 110 -24.81 1.14 -23.99
CA ILE A 110 -23.87 0.04 -24.24
C ILE A 110 -24.58 -1.31 -24.12
N LYS A 111 -25.63 -1.38 -23.31
CA LYS A 111 -26.44 -2.59 -23.20
C LYS A 111 -27.20 -2.90 -24.49
N LYS A 112 -27.78 -1.85 -25.07
CA LYS A 112 -28.74 -1.98 -26.19
C LYS A 112 -28.09 -2.30 -27.55
N TYR A 113 -27.07 -1.52 -27.92
CA TYR A 113 -26.49 -1.57 -29.28
C TYR A 113 -25.05 -2.09 -29.36
N ALA A 114 -24.41 -2.35 -28.21
CA ALA A 114 -23.04 -2.86 -28.20
C ALA A 114 -22.72 -3.67 -26.93
N PRO A 115 -23.60 -4.62 -26.56
CA PRO A 115 -23.35 -5.39 -25.34
C PRO A 115 -22.03 -6.16 -25.39
N ASP A 116 -21.80 -6.84 -26.51
CA ASP A 116 -20.67 -7.76 -26.67
C ASP A 116 -19.36 -7.03 -26.99
N THR A 117 -19.47 -5.92 -27.71
CA THR A 117 -18.30 -5.20 -28.23
C THR A 117 -17.49 -4.45 -27.19
N VAL A 118 -18.14 -3.56 -26.43
CA VAL A 118 -17.43 -2.65 -25.54
C VAL A 118 -16.74 -3.46 -24.47
N GLU A 119 -15.42 -3.45 -24.48
CA GLU A 119 -14.61 -4.26 -23.57
C GLU A 119 -14.48 -3.62 -22.19
N ARG A 120 -14.23 -2.32 -22.16
CA ARG A 120 -13.87 -1.62 -20.94
C ARG A 120 -14.58 -0.29 -20.86
N VAL A 121 -14.96 0.10 -19.64
CA VAL A 121 -15.44 1.45 -19.36
C VAL A 121 -14.60 2.05 -18.25
N VAL A 122 -14.22 3.30 -18.43
CA VAL A 122 -13.51 4.05 -17.42
C VAL A 122 -14.33 5.27 -17.07
N MET A 123 -14.84 5.33 -15.85
CA MET A 123 -15.68 6.43 -15.42
C MET A 123 -14.90 7.41 -14.54
N THR A 124 -15.22 8.70 -14.64
CA THR A 124 -14.58 9.72 -13.82
C THR A 124 -15.49 10.02 -12.64
N ALA A 125 -15.47 9.13 -11.65
CA ALA A 125 -16.15 9.38 -10.39
C ALA A 125 -15.34 10.47 -9.67
N SER A 126 -15.25 10.44 -8.35
CA SER A 126 -14.51 11.48 -7.66
C SER A 126 -14.01 11.10 -6.27
N TYR A 127 -12.98 11.81 -5.83
CA TYR A 127 -12.62 11.93 -4.42
C TYR A 127 -13.86 12.24 -3.58
N ALA A 128 -14.79 13.00 -4.17
CA ALA A 128 -16.10 13.30 -3.57
C ALA A 128 -16.97 12.08 -3.22
N SER A 129 -16.88 11.02 -4.03
CA SER A 129 -17.62 9.80 -3.76
C SER A 129 -16.94 8.88 -2.73
N ILE A 130 -15.87 9.39 -2.09
CA ILE A 130 -15.07 8.62 -1.14
C ILE A 130 -14.89 9.37 0.19
N MET A 131 -14.53 10.64 0.11
CA MET A 131 -14.41 11.49 1.29
C MET A 131 -15.76 11.73 1.99
N THR A 132 -15.68 12.22 3.23
CA THR A 132 -16.82 12.80 3.93
C THR A 132 -16.56 14.31 3.96
N PRO A 133 -17.35 15.09 3.19
CA PRO A 133 -17.16 16.54 2.98
C PRO A 133 -16.94 17.36 4.23
N HIS A 134 -17.82 17.19 5.22
CA HIS A 134 -17.74 17.96 6.46
C HIS A 134 -16.63 17.49 7.42
N ARG A 135 -16.04 16.31 7.16
CA ARG A 135 -14.98 15.80 8.01
C ARG A 135 -13.59 15.87 7.35
N GLN A 136 -13.44 16.67 6.32
CA GLN A 136 -12.14 16.83 5.69
C GLN A 136 -11.05 17.26 6.66
N ASN A 137 -11.39 18.09 7.64
CA ASN A 137 -10.40 18.55 8.61
C ASN A 137 -10.22 17.64 9.83
N ASP A 138 -10.75 16.42 9.75
CA ASP A 138 -10.68 15.46 10.85
C ASP A 138 -9.61 14.37 10.61
N PRO A 139 -8.44 14.48 11.27
CA PRO A 139 -7.32 13.58 10.98
C PRO A 139 -7.47 12.14 11.51
N THR A 140 -8.52 11.86 12.27
CA THR A 140 -8.80 10.51 12.73
C THR A 140 -9.49 9.68 11.63
N LEU A 141 -10.06 10.35 10.64
CA LEU A 141 -10.66 9.67 9.50
C LEU A 141 -9.57 9.30 8.51
N THR A 142 -9.54 8.04 8.08
CA THR A 142 -8.65 7.57 7.02
C THR A 142 -9.50 7.12 5.84
N LEU A 143 -9.11 7.56 4.64
CA LEU A 143 -9.82 7.26 3.41
C LEU A 143 -9.02 6.32 2.54
N ASP A 144 -9.66 5.24 2.08
CA ASP A 144 -9.02 4.36 1.12
C ASP A 144 -10.01 4.03 0.01
N GLU A 145 -9.65 3.08 -0.86
CA GLU A 145 -10.40 2.83 -2.09
C GLU A 145 -11.73 2.14 -1.87
N GLU A 146 -12.00 1.70 -0.65
CA GLU A 146 -13.27 1.07 -0.34
C GLU A 146 -14.18 2.00 0.45
N THR A 147 -13.71 3.22 0.75
CA THR A 147 -14.49 4.21 1.51
C THR A 147 -15.52 4.94 0.62
N TRP A 148 -16.68 5.22 1.19
CA TRP A 148 -17.76 5.91 0.47
C TRP A 148 -18.22 7.16 1.23
N ASN A 149 -18.68 8.15 0.48
CA ASN A 149 -19.38 9.30 1.04
C ASN A 149 -20.75 8.83 1.51
N PRO A 150 -21.00 8.90 2.84
CA PRO A 150 -22.24 8.36 3.41
C PRO A 150 -23.49 9.20 3.13
N VAL A 151 -23.32 10.31 2.41
CA VAL A 151 -24.44 11.16 2.03
C VAL A 151 -25.62 10.36 1.49
N THR A 152 -26.81 10.74 1.97
CA THR A 152 -28.08 10.16 1.57
C THR A 152 -28.86 11.18 0.77
N GLU A 153 -29.87 10.71 0.06
CA GLU A 153 -30.71 11.58 -0.74
C GLU A 153 -31.32 12.72 0.10
N GLU A 154 -31.64 12.42 1.36
CA GLU A 154 -32.40 13.35 2.24
C GLU A 154 -31.58 14.52 2.78
N ASN A 155 -30.28 14.32 2.97
CA ASN A 155 -29.40 15.38 3.49
C ASN A 155 -28.30 15.80 2.50
N ALA A 156 -28.52 15.46 1.22
CA ALA A 156 -27.55 15.73 0.14
C ALA A 156 -27.58 17.18 -0.35
N TYR A 157 -28.71 17.86 -0.20
CA TYR A 157 -28.90 19.19 -0.77
C TYR A 157 -28.76 20.28 0.30
N GLU A 158 -28.04 19.95 1.37
CA GLU A 158 -27.68 20.87 2.45
C GLU A 158 -27.10 22.17 1.91
N ASN A 159 -26.20 22.07 0.96
CA ASN A 159 -25.67 23.22 0.23
C ASN A 159 -25.03 22.75 -1.09
N VAL A 160 -24.47 23.67 -1.87
CA VAL A 160 -23.94 23.33 -3.21
C VAL A 160 -22.79 22.31 -3.16
N LYS A 161 -21.98 22.37 -2.09
CA LYS A 161 -20.86 21.47 -1.92
C LYS A 161 -21.35 20.04 -1.69
N THR A 162 -22.24 19.89 -0.72
CA THR A 162 -22.82 18.58 -0.41
C THR A 162 -23.63 18.02 -1.59
N ALA A 163 -24.12 18.92 -2.45
CA ALA A 163 -24.89 18.54 -3.62
C ALA A 163 -24.02 17.96 -4.73
N TYR A 164 -22.95 18.67 -5.10
CA TYR A 164 -22.10 18.18 -6.19
C TYR A 164 -21.32 16.94 -5.81
N CYS A 165 -21.06 16.76 -4.52
CA CYS A 165 -20.44 15.54 -4.03
C CYS A 165 -21.42 14.38 -4.06
N ALA A 166 -22.65 14.64 -3.65
CA ALA A 166 -23.70 13.63 -3.68
C ALA A 166 -23.92 13.17 -5.11
N SER A 167 -23.92 14.12 -6.04
CA SER A 167 -24.10 13.84 -7.46
C SER A 167 -23.07 12.84 -7.96
N LYS A 168 -21.80 13.05 -7.61
CA LYS A 168 -20.72 12.12 -7.98
C LYS A 168 -20.92 10.77 -7.32
N THR A 169 -21.38 10.81 -6.07
CA THR A 169 -21.59 9.61 -5.28
C THR A 169 -22.70 8.72 -5.86
N PHE A 170 -23.87 9.31 -6.11
CA PHE A 170 -25.05 8.54 -6.55
C PHE A 170 -24.89 7.99 -7.97
N ALA A 171 -24.24 8.78 -8.83
CA ALA A 171 -23.87 8.34 -10.16
C ALA A 171 -23.02 7.08 -10.08
N GLU A 172 -22.05 7.10 -9.18
CA GLU A 172 -21.19 5.95 -9.04
C GLU A 172 -21.95 4.71 -8.59
N LYS A 173 -22.78 4.85 -7.56
CA LYS A 173 -23.61 3.75 -7.08
C LYS A 173 -24.42 3.10 -8.20
N GLU A 174 -24.98 3.93 -9.09
CA GLU A 174 -25.74 3.45 -10.26
C GLU A 174 -24.87 2.64 -11.21
N ALA A 175 -23.66 3.13 -11.45
CA ALA A 175 -22.71 2.40 -12.29
C ALA A 175 -22.53 0.98 -11.75
N TRP A 176 -22.07 0.88 -10.51
CA TRP A 176 -21.78 -0.41 -9.89
C TRP A 176 -23.04 -1.27 -9.82
N LYS A 177 -24.14 -0.66 -9.38
CA LYS A 177 -25.45 -1.32 -9.37
C LYS A 177 -25.68 -1.97 -10.71
N PHE A 178 -25.49 -1.19 -11.77
CA PHE A 178 -25.69 -1.68 -13.13
C PHE A 178 -24.83 -2.90 -13.37
N VAL A 179 -23.53 -2.77 -13.12
CA VAL A 179 -22.59 -3.84 -13.41
C VAL A 179 -23.04 -5.16 -12.78
N LYS A 180 -23.41 -5.10 -11.50
CA LYS A 180 -23.79 -6.31 -10.78
C LYS A 180 -25.06 -6.93 -11.33
N GLU A 181 -26.02 -6.10 -11.72
CA GLU A 181 -27.29 -6.63 -12.19
C GLU A 181 -27.15 -7.28 -13.56
N ASN A 182 -26.31 -6.69 -14.42
CA ASN A 182 -26.21 -7.13 -15.81
C ASN A 182 -24.91 -7.85 -16.19
N SER A 183 -24.10 -8.24 -15.20
CA SER A 183 -22.79 -8.85 -15.51
C SER A 183 -22.82 -10.02 -16.51
N ASP A 184 -23.95 -10.71 -16.58
CA ASP A 184 -24.15 -11.80 -17.56
C ASP A 184 -24.45 -11.29 -18.99
N ALA A 185 -25.17 -10.17 -19.08
CA ALA A 185 -25.67 -9.63 -20.35
C ALA A 185 -24.70 -8.71 -21.12
N VAL A 186 -23.75 -8.09 -20.41
CA VAL A 186 -22.80 -7.17 -21.06
C VAL A 186 -21.38 -7.57 -20.68
N LYS A 187 -20.45 -7.38 -21.62
CA LYS A 187 -19.07 -7.83 -21.42
C LYS A 187 -18.23 -6.83 -20.63
N PHE A 188 -18.45 -5.54 -20.81
CA PHE A 188 -17.49 -4.54 -20.35
C PHE A 188 -17.21 -4.62 -18.85
N LYS A 189 -16.01 -4.20 -18.49
CA LYS A 189 -15.56 -4.20 -17.11
C LYS A 189 -15.32 -2.78 -16.63
N LEU A 190 -15.99 -2.40 -15.55
CA LEU A 190 -15.96 -1.03 -15.08
C LEU A 190 -14.71 -0.75 -14.28
N THR A 191 -14.17 0.47 -14.45
CA THR A 191 -13.09 1.00 -13.65
C THR A 191 -13.44 2.45 -13.33
N THR A 192 -13.46 2.85 -12.05
CA THR A 192 -13.77 4.24 -11.69
C THR A 192 -12.54 4.97 -11.15
N ILE A 193 -12.42 6.25 -11.52
CA ILE A 193 -11.28 7.08 -11.18
C ILE A 193 -11.76 8.14 -10.22
N HIS A 194 -10.96 8.47 -9.22
CA HIS A 194 -11.41 9.38 -8.16
C HIS A 194 -10.40 10.48 -7.86
N PRO A 195 -10.33 11.49 -8.72
CA PRO A 195 -9.42 12.59 -8.46
C PRO A 195 -9.93 13.51 -7.36
N SER A 196 -8.99 14.10 -6.64
CA SER A 196 -9.26 15.21 -5.73
C SER A 196 -9.24 16.52 -6.55
N PHE A 197 -9.01 17.66 -5.90
CA PHE A 197 -8.99 18.94 -6.60
C PHE A 197 -7.93 18.92 -7.69
N VAL A 198 -8.38 18.82 -8.93
CA VAL A 198 -7.46 18.71 -10.07
C VAL A 198 -6.92 20.09 -10.43
N PHE A 199 -5.61 20.25 -10.27
CA PHE A 199 -4.92 21.45 -10.76
C PHE A 199 -3.97 21.05 -11.88
N GLY A 200 -3.42 22.06 -12.55
CA GLY A 200 -2.57 21.83 -13.70
C GLY A 200 -2.91 22.76 -14.85
N PRO A 201 -1.99 22.84 -15.82
CA PRO A 201 -2.13 23.74 -16.95
C PRO A 201 -3.16 23.23 -17.95
N GLN A 202 -3.79 24.17 -18.65
CA GLN A 202 -4.78 23.84 -19.68
C GLN A 202 -4.06 23.16 -20.83
N ASN A 203 -4.67 22.10 -21.36
CA ASN A 203 -4.03 21.35 -22.41
C ASN A 203 -3.60 22.25 -23.58
N PHE A 204 -4.41 23.27 -23.89
CA PHE A 204 -4.05 24.24 -24.95
C PHE A 204 -3.83 25.62 -24.36
N ASP A 205 -2.73 26.27 -24.74
CA ASP A 205 -2.41 27.61 -24.28
C ASP A 205 -3.54 28.63 -24.53
N GLU A 206 -4.22 28.50 -25.67
CA GLU A 206 -5.29 29.44 -26.05
C GLU A 206 -6.49 29.37 -25.11
N ASP A 207 -6.68 28.21 -24.47
CA ASP A 207 -7.79 28.02 -23.53
C ASP A 207 -7.61 28.77 -22.20
N VAL A 208 -6.45 29.39 -21.99
CA VAL A 208 -6.27 30.31 -20.87
C VAL A 208 -7.11 31.57 -21.09
N THR A 209 -8.32 31.54 -20.56
CA THR A 209 -9.27 32.65 -20.68
C THR A 209 -9.25 33.50 -19.39
N LYS A 210 -10.12 34.51 -19.32
CA LYS A 210 -10.23 35.34 -18.11
C LYS A 210 -10.72 34.51 -16.92
N LYS A 211 -11.61 33.55 -17.19
CA LYS A 211 -12.13 32.66 -16.16
C LYS A 211 -12.01 31.21 -16.61
N LEU A 212 -11.28 30.41 -15.85
CA LEU A 212 -11.00 29.01 -16.20
C LEU A 212 -12.09 28.07 -15.70
N ASN A 213 -11.92 26.77 -15.93
CA ASN A 213 -12.78 25.76 -15.33
C ASN A 213 -12.78 25.89 -13.80
N GLU A 214 -13.75 25.28 -13.15
CA GLU A 214 -14.05 25.58 -11.75
C GLU A 214 -12.81 25.51 -10.83
N THR A 215 -12.08 24.39 -10.84
CA THR A 215 -11.01 24.16 -9.86
C THR A 215 -9.74 24.95 -10.17
N CYS A 216 -9.38 25.04 -11.45
CA CYS A 216 -8.23 25.85 -11.83
C CYS A 216 -8.53 27.35 -11.63
N GLU A 217 -9.80 27.75 -11.74
CA GLU A 217 -10.19 29.12 -11.43
C GLU A 217 -9.78 29.50 -10.00
N ILE A 218 -9.74 28.52 -9.11
CA ILE A 218 -9.24 28.76 -7.75
C ILE A 218 -7.88 29.44 -7.84
N ILE A 219 -6.98 28.86 -8.65
CA ILE A 219 -5.63 29.38 -8.80
C ILE A 219 -5.62 30.68 -9.61
N ASN A 220 -6.36 30.68 -10.71
CA ASN A 220 -6.49 31.85 -11.57
C ASN A 220 -6.97 33.08 -10.78
N GLY A 221 -7.99 32.89 -9.95
CA GLY A 221 -8.56 33.99 -9.17
C GLY A 221 -7.54 34.54 -8.20
N LEU A 222 -6.87 33.63 -7.50
CA LEU A 222 -5.84 33.98 -6.51
C LEU A 222 -4.68 34.76 -7.11
N LEU A 223 -4.28 34.36 -8.31
CA LEU A 223 -3.14 34.95 -9.01
C LEU A 223 -3.40 36.38 -9.46
N HIS A 224 -4.66 36.67 -9.78
CA HIS A 224 -5.07 38.02 -10.15
C HIS A 224 -5.68 38.80 -9.01
N ALA A 225 -5.75 38.22 -7.82
CA ALA A 225 -6.38 38.88 -6.69
C ALA A 225 -5.59 40.13 -6.29
N PRO A 226 -6.30 41.16 -5.79
CA PRO A 226 -5.61 42.34 -5.28
C PRO A 226 -4.67 41.95 -4.14
N PHE A 227 -3.69 42.80 -3.83
CA PHE A 227 -2.62 42.44 -2.90
C PHE A 227 -3.09 42.07 -1.48
N ASP A 228 -4.02 42.83 -0.90
CA ASP A 228 -4.36 42.58 0.52
C ASP A 228 -5.60 41.71 0.75
N THR A 229 -6.00 40.93 -0.25
CA THR A 229 -7.12 40.00 -0.09
C THR A 229 -6.82 38.94 0.99
N LYS A 230 -7.87 38.50 1.68
CA LYS A 230 -7.74 37.52 2.76
C LYS A 230 -7.53 36.17 2.09
N VAL A 231 -6.43 35.50 2.44
CA VAL A 231 -6.11 34.18 1.88
C VAL A 231 -6.18 33.13 2.98
N GLU A 232 -7.04 32.12 2.80
CA GLU A 232 -7.22 31.09 3.82
C GLU A 232 -5.99 30.20 3.93
N LYS A 233 -5.37 30.20 5.11
CA LYS A 233 -4.16 29.42 5.37
C LYS A 233 -4.45 28.16 6.19
N THR A 234 -5.73 27.87 6.44
CA THR A 234 -6.11 26.60 7.02
C THR A 234 -6.21 25.55 5.93
N HIS A 235 -6.03 24.28 6.33
CA HIS A 235 -6.12 23.16 5.39
C HIS A 235 -7.47 23.17 4.68
N PHE A 236 -7.46 22.86 3.40
CA PHE A 236 -8.61 22.99 2.54
C PHE A 236 -9.01 21.62 2.00
N SER A 237 -8.17 21.02 1.17
CA SER A 237 -8.46 19.71 0.58
C SER A 237 -7.22 19.09 -0.07
N GLN A 238 -7.43 17.98 -0.78
CA GLN A 238 -6.37 17.30 -1.53
C GLN A 238 -6.36 17.73 -2.99
N PHE A 239 -5.20 17.59 -3.64
CA PHE A 239 -5.05 17.93 -5.05
C PHE A 239 -4.50 16.72 -5.81
N ILE A 240 -4.54 16.79 -7.14
CA ILE A 240 -3.83 15.84 -8.00
C ILE A 240 -3.64 16.46 -9.40
N ASP A 241 -2.44 16.31 -9.98
CA ASP A 241 -2.14 16.95 -11.27
C ASP A 241 -2.97 16.34 -12.41
N VAL A 242 -3.61 17.23 -13.17
CA VAL A 242 -4.39 16.84 -14.34
C VAL A 242 -3.67 15.86 -15.28
N ARG A 243 -2.37 16.04 -15.46
CA ARG A 243 -1.61 15.16 -16.34
C ARG A 243 -1.63 13.73 -15.78
N ASP A 244 -1.46 13.60 -14.46
CA ASP A 244 -1.56 12.31 -13.78
C ASP A 244 -2.94 11.68 -14.01
N VAL A 245 -3.99 12.50 -13.96
CA VAL A 245 -5.36 12.01 -14.16
C VAL A 245 -5.53 11.44 -15.55
N ALA A 246 -5.09 12.20 -16.55
CA ALA A 246 -5.21 11.75 -17.93
C ALA A 246 -4.60 10.38 -18.09
N LYS A 247 -3.31 10.29 -17.77
CA LYS A 247 -2.56 9.06 -17.90
C LYS A 247 -3.33 7.92 -17.28
N THR A 248 -3.89 8.20 -16.10
CA THR A 248 -4.59 7.20 -15.30
C THR A 248 -5.84 6.66 -15.99
N HIS A 249 -6.59 7.56 -16.62
CA HIS A 249 -7.79 7.15 -17.33
C HIS A 249 -7.48 6.16 -18.44
N VAL A 250 -6.45 6.44 -19.22
CA VAL A 250 -6.09 5.58 -20.34
C VAL A 250 -5.60 4.25 -19.82
N LEU A 251 -4.67 4.28 -18.86
CA LEU A 251 -4.25 3.05 -18.19
C LEU A 251 -5.47 2.25 -17.71
N GLY A 252 -6.49 2.97 -17.24
CA GLY A 252 -7.75 2.36 -16.81
C GLY A 252 -8.30 1.28 -17.71
N PHE A 253 -8.28 1.49 -19.03
CA PHE A 253 -8.79 0.49 -19.96
C PHE A 253 -7.73 -0.47 -20.49
N GLN A 254 -6.46 -0.10 -20.34
CA GLN A 254 -5.34 -0.92 -20.83
C GLN A 254 -4.99 -2.07 -19.87
N LYS A 255 -4.50 -1.73 -18.67
CA LYS A 255 -3.98 -2.72 -17.73
C LYS A 255 -5.10 -3.63 -17.18
N ASP A 256 -4.96 -4.94 -17.40
CA ASP A 256 -5.86 -5.96 -16.80
C ASP A 256 -6.08 -5.74 -15.32
N GLU A 257 -4.97 -5.47 -14.63
CA GLU A 257 -4.96 -5.33 -13.17
C GLU A 257 -5.86 -4.20 -12.61
N LEU A 258 -6.35 -3.32 -13.48
CA LEU A 258 -7.23 -2.22 -13.05
C LEU A 258 -8.73 -2.48 -13.25
N ILE A 259 -9.10 -3.74 -13.53
CA ILE A 259 -10.50 -4.13 -13.61
C ILE A 259 -11.16 -4.08 -12.22
N ASN A 260 -12.40 -3.61 -12.17
CA ASN A 260 -13.19 -3.52 -10.94
C ASN A 260 -12.58 -2.65 -9.85
N GLN A 261 -11.69 -1.73 -10.21
CA GLN A 261 -10.99 -0.96 -9.20
C GLN A 261 -11.55 0.44 -9.05
N ARG A 262 -11.48 0.97 -7.84
CA ARG A 262 -11.74 2.38 -7.57
C ARG A 262 -10.39 3.03 -7.29
N LEU A 263 -9.94 3.88 -8.19
CA LEU A 263 -8.60 4.44 -8.09
C LEU A 263 -8.64 5.84 -7.49
N LEU A 264 -8.05 5.96 -6.31
CA LEU A 264 -8.08 7.19 -5.53
C LEU A 264 -6.87 8.07 -5.82
N LEU A 265 -7.11 9.22 -6.42
CA LEU A 265 -6.04 10.13 -6.85
C LEU A 265 -5.91 11.38 -5.98
N CYS A 266 -5.09 11.29 -4.95
CA CYS A 266 -4.66 12.44 -4.18
C CYS A 266 -3.16 12.40 -4.16
N ASN A 267 -2.52 13.56 -3.99
CA ASN A 267 -1.07 13.60 -3.86
C ASN A 267 -0.55 14.73 -2.96
N GLY A 268 -1.40 15.28 -2.10
CA GLY A 268 -0.96 16.37 -1.21
C GLY A 268 -2.07 17.17 -0.59
N ALA A 269 -1.90 17.52 0.68
CA ALA A 269 -2.82 18.42 1.36
C ALA A 269 -2.37 19.83 1.05
N PHE A 270 -3.32 20.74 0.87
CA PHE A 270 -2.98 22.14 0.57
C PHE A 270 -3.98 23.13 1.15
N SER A 271 -3.50 24.35 1.37
CA SER A 271 -4.36 25.51 1.65
C SER A 271 -4.22 26.53 0.51
N GLN A 272 -5.07 27.57 0.55
CA GLN A 272 -4.99 28.65 -0.42
C GLN A 272 -3.64 29.36 -0.29
N GLN A 273 -3.21 29.61 0.94
CA GLN A 273 -1.93 30.27 1.16
C GLN A 273 -0.76 29.48 0.57
N ASP A 274 -0.83 28.15 0.69
CA ASP A 274 0.23 27.26 0.19
C ASP A 274 0.42 27.39 -1.34
N ILE A 275 -0.69 27.61 -2.04
CA ILE A 275 -0.69 27.92 -3.47
C ILE A 275 -0.06 29.29 -3.74
N VAL A 276 -0.46 30.29 -2.95
CA VAL A 276 0.03 31.67 -3.10
C VAL A 276 1.54 31.78 -2.86
N ASN A 277 2.07 30.92 -2.00
CA ASN A 277 3.51 30.91 -1.74
C ASN A 277 4.31 30.47 -2.97
N VAL A 278 3.72 29.62 -3.80
CA VAL A 278 4.33 29.21 -5.07
C VAL A 278 4.40 30.39 -6.02
N PHE A 279 3.43 31.30 -5.97
CA PHE A 279 3.48 32.52 -6.77
C PHE A 279 4.75 33.26 -6.39
N ASN A 280 4.89 33.53 -5.09
CA ASN A 280 5.97 34.36 -4.59
C ASN A 280 7.34 33.70 -4.66
N GLU A 281 7.37 32.37 -4.54
CA GLU A 281 8.62 31.63 -4.55
C GLU A 281 9.22 31.53 -5.94
N ASP A 282 8.40 31.14 -6.92
CA ASP A 282 8.86 30.86 -8.30
C ASP A 282 8.93 32.09 -9.22
N PHE A 283 8.24 33.16 -8.87
CA PHE A 283 8.24 34.38 -9.67
C PHE A 283 8.50 35.57 -8.76
N PRO A 284 9.68 35.62 -8.13
CA PRO A 284 9.93 36.63 -7.10
C PRO A 284 9.80 38.06 -7.63
N GLU A 285 10.13 38.26 -8.91
CA GLU A 285 10.09 39.60 -9.51
C GLU A 285 8.68 40.25 -9.54
N LEU A 286 7.63 39.45 -9.42
CA LEU A 286 6.26 39.97 -9.42
C LEU A 286 5.65 40.15 -8.01
N LYS A 287 6.50 40.27 -6.99
CA LYS A 287 5.98 40.50 -5.63
C LYS A 287 5.24 41.83 -5.58
N GLY A 288 4.00 41.80 -5.09
CA GLY A 288 3.15 42.98 -5.07
C GLY A 288 1.93 42.89 -5.98
N GLN A 289 2.01 42.06 -7.02
CA GLN A 289 0.93 41.94 -8.03
C GLN A 289 -0.10 40.83 -7.71
N PHE A 290 0.12 40.14 -6.60
CA PHE A 290 -0.83 39.16 -6.05
C PHE A 290 -0.63 39.16 -4.54
N PRO A 291 -1.47 38.43 -3.79
CA PRO A 291 -1.27 38.36 -2.35
C PRO A 291 0.14 37.91 -1.91
N PRO A 292 0.51 38.19 -0.65
CA PRO A 292 1.88 37.96 -0.21
C PRO A 292 2.16 36.54 0.29
N GLU A 293 3.42 36.28 0.63
CA GLU A 293 3.88 34.97 1.08
C GLU A 293 3.79 34.85 2.59
N ASP A 294 3.20 33.77 3.08
CA ASP A 294 3.17 33.47 4.53
C ASP A 294 3.35 31.97 4.74
N LYS A 295 4.33 31.60 5.55
CA LYS A 295 4.71 30.18 5.72
C LYS A 295 3.81 29.48 6.74
N ASP A 296 3.50 30.15 7.85
CA ASP A 296 2.61 29.58 8.87
C ASP A 296 1.32 29.18 8.17
N THR A 297 1.32 27.98 7.63
CA THR A 297 0.15 27.39 7.00
C THR A 297 -0.07 26.05 7.68
N ASP A 298 -1.31 25.57 7.70
CA ASP A 298 -1.59 24.26 8.26
C ASP A 298 -0.68 23.19 7.65
N LEU A 299 -0.39 23.29 6.35
CA LEU A 299 0.54 22.35 5.71
C LEU A 299 1.92 22.30 6.38
N ASN A 300 2.59 23.45 6.51
CA ASN A 300 3.95 23.48 7.10
C ASN A 300 4.02 23.16 8.59
N LYS A 301 2.92 23.41 9.32
CA LYS A 301 2.77 22.92 10.71
C LYS A 301 2.77 21.39 10.78
N GLY A 302 2.35 20.74 9.69
CA GLY A 302 2.15 19.29 9.65
C GLY A 302 0.67 18.90 9.65
N VAL A 303 -0.22 19.88 9.50
CA VAL A 303 -1.67 19.64 9.52
C VAL A 303 -2.19 19.41 8.10
N THR A 304 -2.73 18.22 7.87
CA THR A 304 -3.14 17.79 6.54
C THR A 304 -4.58 17.29 6.49
N GLY A 305 -5.31 17.44 7.59
CA GLY A 305 -6.67 16.94 7.68
C GLY A 305 -6.72 15.42 7.61
N CYS A 306 -7.77 14.89 7.00
CA CYS A 306 -7.98 13.45 7.00
C CYS A 306 -6.91 12.74 6.18
N LYS A 307 -6.68 11.47 6.51
CA LYS A 307 -5.59 10.68 5.95
C LYS A 307 -6.03 9.99 4.67
N ILE A 308 -5.08 9.89 3.73
CA ILE A 308 -5.33 9.24 2.45
C ILE A 308 -4.50 7.96 2.35
N ASP A 309 -5.18 6.82 2.45
CA ASP A 309 -4.56 5.54 2.21
C ASP A 309 -4.87 5.18 0.76
N ASN A 310 -4.03 5.67 -0.13
CA ASN A 310 -4.11 5.31 -1.55
C ASN A 310 -2.87 4.54 -2.01
N GLU A 311 -2.39 3.65 -1.15
CA GLU A 311 -1.20 2.87 -1.47
C GLU A 311 -1.51 1.79 -2.50
N LYS A 312 -2.69 1.19 -2.43
CA LYS A 312 -3.10 0.22 -3.44
C LYS A 312 -3.18 0.89 -4.80
N THR A 313 -3.67 2.12 -4.83
CA THR A 313 -3.78 2.87 -6.06
C THR A 313 -2.40 3.13 -6.65
N LYS A 314 -1.52 3.73 -5.86
CA LYS A 314 -0.19 4.10 -6.33
C LYS A 314 0.58 2.90 -6.86
N LYS A 315 0.49 1.78 -6.14
CA LYS A 315 1.16 0.53 -6.56
C LYS A 315 0.63 0.05 -7.90
N LEU A 316 -0.69 -0.06 -8.01
CA LEU A 316 -1.36 -0.54 -9.23
C LEU A 316 -1.03 0.32 -10.47
N LEU A 317 -1.00 1.63 -10.30
CA LEU A 317 -0.73 2.54 -11.40
C LEU A 317 0.74 2.55 -11.80
N ALA A 318 1.62 2.39 -10.81
CA ALA A 318 3.06 2.23 -11.03
C ALA A 318 3.84 3.55 -11.18
N PHE A 319 3.27 4.56 -11.83
CA PHE A 319 4.01 5.81 -12.07
C PHE A 319 3.91 6.76 -10.87
N GLU A 320 4.85 7.69 -10.80
CA GLU A 320 4.95 8.63 -9.68
C GLU A 320 4.13 9.88 -9.99
N PHE A 321 3.31 10.32 -9.04
CA PHE A 321 2.47 11.50 -9.25
C PHE A 321 3.28 12.78 -9.19
N THR A 322 2.69 13.86 -9.67
CA THR A 322 3.40 15.13 -9.78
C THR A 322 3.33 15.92 -8.48
N PRO A 323 4.48 16.41 -7.98
CA PRO A 323 4.50 17.22 -6.77
C PRO A 323 3.73 18.54 -6.91
N PHE A 324 3.04 18.89 -5.82
CA PHE A 324 2.26 20.13 -5.70
C PHE A 324 3.00 21.35 -6.26
N HIS A 325 4.26 21.51 -5.87
CA HIS A 325 5.04 22.66 -6.30
C HIS A 325 5.13 22.75 -7.82
N LYS A 326 5.31 21.60 -8.46
CA LYS A 326 5.36 21.55 -9.92
C LYS A 326 4.00 21.90 -10.53
N THR A 327 2.94 21.25 -10.05
CA THR A 327 1.60 21.43 -10.60
C THR A 327 1.13 22.89 -10.54
N ILE A 328 1.32 23.53 -9.41
CA ILE A 328 0.93 24.92 -9.25
C ILE A 328 1.79 25.81 -10.15
N HIS A 329 3.10 25.59 -10.14
CA HIS A 329 4.02 26.36 -10.98
C HIS A 329 3.60 26.34 -12.44
N ASP A 330 3.44 25.12 -12.99
CA ASP A 330 3.06 24.94 -14.39
C ASP A 330 1.72 25.60 -14.74
N THR A 331 0.73 25.46 -13.85
CA THR A 331 -0.56 26.13 -14.02
C THR A 331 -0.34 27.62 -14.12
N VAL A 332 0.39 28.16 -13.15
CA VAL A 332 0.68 29.60 -13.07
C VAL A 332 1.51 30.11 -14.24
N TYR A 333 2.60 29.43 -14.56
CA TYR A 333 3.47 29.90 -15.65
C TYR A 333 2.67 30.09 -16.93
N GLN A 334 1.86 29.10 -17.27
CA GLN A 334 1.06 29.09 -18.50
C GLN A 334 0.21 30.36 -18.62
N ILE A 335 -0.39 30.75 -17.51
CA ILE A 335 -1.28 31.90 -17.48
C ILE A 335 -0.47 33.17 -17.64
N LEU A 336 0.50 33.38 -16.75
CA LEU A 336 1.35 34.58 -16.80
C LEU A 336 2.07 34.70 -18.14
N HIS A 337 2.43 33.58 -18.72
CA HIS A 337 3.16 33.56 -19.98
C HIS A 337 2.22 33.90 -21.13
N LYS A 338 1.04 33.29 -21.14
CA LYS A 338 -0.01 33.68 -22.09
C LYS A 338 -0.30 35.19 -22.00
N GLU A 339 -0.27 35.71 -20.79
CA GLU A 339 -0.46 37.15 -20.56
C GLU A 339 0.77 38.02 -20.88
N GLY A 340 1.92 37.40 -21.11
CA GLY A 340 3.15 38.13 -21.45
C GLY A 340 3.87 38.79 -20.27
N ARG A 341 3.55 38.36 -19.06
CA ARG A 341 4.20 38.90 -17.85
C ARG A 341 5.57 38.27 -17.56
N VAL A 342 5.91 37.16 -18.23
CA VAL A 342 7.17 36.43 -17.97
C VAL A 342 7.82 35.88 -19.24
N MET B 1 -9.78 -27.88 18.25
CA MET B 1 -9.11 -26.61 17.83
C MET B 1 -7.76 -26.37 18.55
N SER B 2 -6.82 -27.31 18.39
CA SER B 2 -5.45 -27.17 18.92
C SER B 2 -4.46 -26.57 17.92
N VAL B 3 -3.40 -25.94 18.45
CA VAL B 3 -2.37 -25.27 17.65
C VAL B 3 -1.02 -25.91 17.88
N LEU B 4 -0.45 -26.49 16.83
CA LEU B 4 0.89 -27.05 16.87
C LEU B 4 1.91 -25.99 16.48
N ILE B 5 2.84 -25.65 17.35
CA ILE B 5 3.94 -24.77 16.98
C ILE B 5 5.25 -25.54 17.08
N SER B 6 5.96 -25.66 15.97
CA SER B 6 7.25 -26.34 15.92
C SER B 6 8.37 -25.42 16.37
N GLY B 7 9.33 -25.96 17.10
CA GLY B 7 10.50 -25.19 17.52
C GLY B 7 10.10 -24.16 18.55
N ALA B 8 9.47 -24.66 19.62
CA ALA B 8 8.77 -23.82 20.59
C ALA B 8 9.66 -23.23 21.70
N TYR B 9 10.95 -23.53 21.69
CA TYR B 9 11.88 -22.94 22.66
C TYR B 9 12.47 -21.66 22.09
N GLY B 10 12.23 -21.43 20.79
CA GLY B 10 12.82 -20.31 20.09
C GLY B 10 12.43 -18.95 20.65
N TYR B 11 13.37 -18.02 20.57
CA TYR B 11 13.15 -16.61 20.95
C TYR B 11 11.78 -16.12 20.50
N ILE B 12 11.52 -16.28 19.21
CA ILE B 12 10.29 -15.82 18.60
C ILE B 12 9.13 -16.70 19.02
N ALA B 13 9.31 -18.02 18.92
CA ALA B 13 8.23 -18.96 19.18
C ALA B 13 7.70 -18.86 20.61
N LYS B 14 8.55 -18.43 21.55
CA LYS B 14 8.12 -18.23 22.94
C LYS B 14 7.21 -17.01 23.11
N HIS B 15 7.35 -16.00 22.26
CA HIS B 15 6.37 -14.93 22.22
C HIS B 15 5.07 -15.40 21.56
N ILE B 16 5.19 -16.19 20.51
CA ILE B 16 4.02 -16.72 19.81
C ILE B 16 3.15 -17.53 20.76
N VAL B 17 3.79 -18.37 21.57
CA VAL B 17 3.10 -19.18 22.57
C VAL B 17 2.40 -18.27 23.58
N ARG B 18 3.14 -17.25 24.04
CA ARG B 18 2.58 -16.29 24.97
C ARG B 18 1.26 -15.74 24.43
N VAL B 19 1.27 -15.36 23.15
CA VAL B 19 0.09 -14.78 22.51
C VAL B 19 -1.01 -15.83 22.33
N LEU B 20 -0.63 -17.03 21.89
CA LEU B 20 -1.61 -18.09 21.72
C LEU B 20 -2.37 -18.33 23.01
N LEU B 21 -1.65 -18.38 24.11
CA LEU B 21 -2.25 -18.61 25.42
C LEU B 21 -3.09 -17.43 25.87
N GLU B 22 -2.57 -16.22 25.67
CA GLU B 22 -3.33 -15.01 25.97
C GLU B 22 -4.73 -15.12 25.40
N GLN B 23 -4.87 -15.73 24.23
CA GLN B 23 -6.17 -15.88 23.58
C GLN B 23 -6.83 -17.24 23.84
N ASN B 24 -6.43 -17.89 24.91
CA ASN B 24 -7.05 -19.13 25.35
C ASN B 24 -7.09 -20.19 24.26
N TYR B 25 -5.92 -20.50 23.70
CA TYR B 25 -5.76 -21.60 22.74
C TYR B 25 -5.05 -22.77 23.41
N LYS B 26 -5.37 -23.98 22.95
CA LYS B 26 -4.63 -25.17 23.38
C LYS B 26 -3.40 -25.34 22.48
N VAL B 27 -2.22 -25.18 23.07
CA VAL B 27 -0.96 -25.17 22.32
C VAL B 27 -0.15 -26.46 22.53
N ILE B 28 0.34 -27.02 21.42
CA ILE B 28 1.28 -28.12 21.43
C ILE B 28 2.58 -27.63 20.81
N GLY B 29 3.58 -27.31 21.64
CA GLY B 29 4.90 -26.95 21.11
C GLY B 29 5.69 -28.20 20.77
N THR B 30 6.66 -28.09 19.86
CA THR B 30 7.66 -29.16 19.74
C THR B 30 9.02 -28.62 20.14
N VAL B 31 9.80 -29.48 20.78
CA VAL B 31 11.12 -29.12 21.28
C VAL B 31 12.09 -30.28 21.09
N ARG B 32 13.37 -29.95 21.14
CA ARG B 32 14.42 -30.92 20.89
C ARG B 32 14.44 -32.02 21.96
N SER B 33 14.54 -31.63 23.23
CA SER B 33 14.72 -32.59 24.33
C SER B 33 13.65 -32.44 25.40
N GLN B 34 13.60 -33.44 26.29
CA GLN B 34 12.73 -33.46 27.47
C GLN B 34 13.20 -32.45 28.51
N ASP B 35 14.52 -32.34 28.66
CA ASP B 35 15.14 -31.28 29.44
C ASP B 35 14.45 -29.95 29.24
N LYS B 36 14.20 -29.61 27.97
CA LYS B 36 13.59 -28.33 27.58
C LYS B 36 12.06 -28.34 27.63
N ALA B 37 11.43 -29.47 27.32
CA ALA B 37 9.96 -29.61 27.45
C ALA B 37 9.51 -29.44 28.89
N ASP B 38 10.42 -29.66 29.83
CA ASP B 38 10.19 -29.37 31.24
C ASP B 38 10.42 -27.89 31.54
N LYS B 39 11.62 -27.36 31.29
CA LYS B 39 11.94 -25.94 31.56
C LYS B 39 10.80 -25.00 31.13
N LEU B 40 10.27 -25.21 29.93
CA LEU B 40 9.21 -24.35 29.39
C LEU B 40 7.92 -24.42 30.19
N LEU B 41 7.40 -25.62 30.40
CA LEU B 41 6.14 -25.80 31.12
C LEU B 41 6.15 -25.12 32.49
N LYS B 42 7.28 -25.17 33.21
CA LYS B 42 7.39 -24.48 34.50
C LYS B 42 7.29 -22.97 34.29
N GLN B 43 7.94 -22.46 33.25
CA GLN B 43 7.89 -21.03 32.95
C GLN B 43 6.46 -20.57 32.66
N TYR B 44 5.81 -21.23 31.69
CA TYR B 44 4.46 -20.86 31.25
C TYR B 44 3.41 -21.24 32.27
N ASN B 45 3.63 -22.36 32.96
CA ASN B 45 2.74 -22.80 34.02
C ASN B 45 1.29 -22.71 33.57
N ASN B 46 0.97 -23.45 32.51
CA ASN B 46 -0.34 -23.33 31.87
C ASN B 46 -0.86 -24.72 31.53
N PRO B 47 -2.11 -25.03 31.92
CA PRO B 47 -2.68 -26.35 31.65
C PRO B 47 -3.05 -26.61 30.18
N ASN B 48 -3.06 -25.57 29.34
CA ASN B 48 -3.30 -25.74 27.91
C ASN B 48 -2.05 -26.05 27.08
N LEU B 49 -0.89 -25.89 27.67
CA LEU B 49 0.37 -26.11 26.97
C LEU B 49 0.80 -27.57 27.11
N SER B 50 0.95 -28.28 26.00
CA SER B 50 1.56 -29.62 25.97
C SER B 50 2.77 -29.59 25.04
N TYR B 51 3.62 -30.62 25.12
CA TYR B 51 4.85 -30.68 24.31
C TYR B 51 5.06 -32.05 23.69
N GLU B 52 5.72 -32.07 22.54
CA GLU B 52 6.11 -33.31 21.88
C GLU B 52 7.57 -33.20 21.54
N ILE B 53 8.31 -34.30 21.68
CA ILE B 53 9.75 -34.30 21.43
C ILE B 53 10.02 -34.55 19.95
N VAL B 54 10.65 -33.58 19.30
CA VAL B 54 11.20 -33.78 17.96
C VAL B 54 12.63 -33.25 18.01
N PRO B 55 13.60 -34.15 18.23
CA PRO B 55 15.00 -33.78 18.39
C PRO B 55 15.64 -33.27 17.11
N GLU B 56 15.30 -33.89 15.98
CA GLU B 56 15.83 -33.46 14.71
C GLU B 56 14.71 -33.45 13.67
N ILE B 57 14.52 -32.29 13.06
CA ILE B 57 13.47 -32.12 12.05
C ILE B 57 13.90 -32.65 10.69
N ALA B 58 15.20 -32.67 10.45
CA ALA B 58 15.73 -33.19 9.20
C ALA B 58 15.51 -34.70 9.06
N ASN B 59 15.41 -35.40 10.18
CA ASN B 59 15.29 -36.86 10.16
C ASN B 59 14.02 -37.33 9.46
N LEU B 60 14.08 -38.53 8.91
CA LEU B 60 12.95 -39.14 8.22
C LEU B 60 11.64 -38.89 8.98
N ASP B 61 10.57 -38.56 8.27
CA ASP B 61 9.22 -38.55 8.84
C ASP B 61 9.13 -37.87 10.23
N ALA B 62 10.01 -36.89 10.47
CA ALA B 62 10.23 -36.31 11.82
C ALA B 62 8.98 -35.85 12.59
N PHE B 63 7.88 -35.52 11.90
CA PHE B 63 6.66 -35.04 12.55
C PHE B 63 5.47 -36.01 12.44
N ASP B 64 5.72 -37.24 12.01
CA ASP B 64 4.63 -38.19 11.80
C ASP B 64 4.03 -38.71 13.11
N ASP B 65 4.85 -38.81 14.14
CA ASP B 65 4.39 -39.23 15.48
C ASP B 65 3.38 -38.27 16.10
N ILE B 66 3.67 -36.99 15.97
CA ILE B 66 2.79 -35.94 16.46
C ILE B 66 1.40 -36.10 15.83
N PHE B 67 1.36 -36.47 14.55
CA PHE B 67 0.08 -36.59 13.83
C PHE B 67 -0.60 -37.97 13.91
N LYS B 68 0.11 -39.00 14.33
CA LYS B 68 -0.57 -40.24 14.72
C LYS B 68 -1.35 -39.93 15.99
N LYS B 69 -0.64 -39.36 16.97
CA LYS B 69 -1.19 -39.04 18.29
C LYS B 69 -2.27 -37.96 18.22
N HIS B 70 -1.86 -36.72 17.98
CA HIS B 70 -2.76 -35.56 18.05
C HIS B 70 -3.40 -35.24 16.69
N GLY B 71 -3.69 -36.25 15.87
CA GLY B 71 -4.03 -36.01 14.46
C GLY B 71 -5.35 -35.29 14.23
N LYS B 72 -6.38 -35.81 14.88
CA LYS B 72 -7.73 -35.29 14.73
C LYS B 72 -7.87 -33.91 15.35
N GLU B 73 -7.07 -33.59 16.37
CA GLU B 73 -7.29 -32.39 17.22
C GLU B 73 -6.51 -31.11 16.82
N ILE B 74 -5.57 -31.22 15.89
CA ILE B 74 -4.80 -30.04 15.42
C ILE B 74 -5.48 -29.36 14.23
N LYS B 75 -5.97 -28.15 14.44
CA LYS B 75 -6.66 -27.36 13.42
C LYS B 75 -5.72 -26.37 12.73
N TYR B 76 -4.80 -25.78 13.49
CA TYR B 76 -3.85 -24.79 12.97
C TYR B 76 -2.41 -25.17 13.33
N VAL B 77 -1.48 -24.88 12.42
CA VAL B 77 -0.06 -25.25 12.55
C VAL B 77 0.82 -24.02 12.33
N ILE B 78 1.81 -23.84 13.20
CA ILE B 78 2.78 -22.75 13.04
C ILE B 78 4.19 -23.33 12.98
N HIS B 79 4.66 -23.60 11.76
CA HIS B 79 6.00 -24.15 11.54
C HIS B 79 7.08 -23.07 11.65
N ALA B 80 7.70 -22.95 12.83
CA ALA B 80 8.71 -21.93 13.11
C ALA B 80 10.09 -22.53 13.37
N ALA B 81 10.25 -23.83 13.10
CA ALA B 81 11.49 -24.55 13.38
C ALA B 81 12.42 -24.50 12.18
N SER B 82 13.44 -23.65 12.29
CA SER B 82 14.52 -23.60 11.31
C SER B 82 15.79 -23.15 12.03
N PRO B 83 16.93 -23.76 11.70
CA PRO B 83 18.18 -23.37 12.34
C PRO B 83 18.58 -21.94 12.05
N VAL B 84 19.09 -21.29 13.08
CA VAL B 84 19.63 -19.95 12.98
C VAL B 84 21.00 -20.00 13.63
N ASN B 85 22.04 -20.02 12.79
CA ASN B 85 23.41 -20.15 13.26
C ASN B 85 24.33 -19.34 12.36
N PHE B 86 24.90 -18.28 12.91
CA PHE B 86 25.76 -17.38 12.15
C PHE B 86 27.21 -17.84 12.09
N GLY B 87 27.56 -18.85 12.89
CA GLY B 87 28.90 -19.44 12.86
C GLY B 87 28.90 -20.90 12.39
N ALA B 88 27.87 -21.29 11.65
CA ALA B 88 27.75 -22.69 11.21
C ALA B 88 28.96 -23.10 10.37
N LYS B 89 29.52 -24.27 10.68
CA LYS B 89 30.69 -24.81 9.98
C LYS B 89 30.27 -25.75 8.86
N ASP B 90 29.28 -26.59 9.11
CA ASP B 90 28.82 -27.57 8.12
C ASP B 90 27.55 -27.08 7.44
N LEU B 91 27.72 -26.26 6.41
CA LEU B 91 26.62 -25.45 5.86
C LEU B 91 25.42 -26.26 5.38
N GLU B 92 25.66 -27.37 4.69
CA GLU B 92 24.56 -28.20 4.20
C GLU B 92 23.83 -28.87 5.37
N LYS B 93 24.60 -29.47 6.27
CA LYS B 93 24.08 -30.18 7.43
C LYS B 93 23.45 -29.20 8.45
N ASP B 94 24.18 -28.14 8.78
CA ASP B 94 23.80 -27.18 9.82
C ASP B 94 22.65 -26.23 9.46
N LEU B 95 22.41 -25.98 8.18
CA LEU B 95 21.43 -24.96 7.77
C LEU B 95 20.45 -25.48 6.74
N VAL B 96 20.95 -25.80 5.56
CA VAL B 96 20.07 -26.02 4.43
C VAL B 96 19.20 -27.25 4.58
N ILE B 97 19.81 -28.39 4.94
CA ILE B 97 19.09 -29.66 4.93
C ILE B 97 17.92 -29.67 5.90
N PRO B 98 18.13 -29.20 7.14
CA PRO B 98 17.01 -29.12 8.09
C PRO B 98 15.94 -28.13 7.66
N ALA B 99 16.34 -26.96 7.21
CA ALA B 99 15.40 -25.96 6.70
C ALA B 99 14.44 -26.60 5.69
N ILE B 100 14.99 -27.32 4.73
CA ILE B 100 14.20 -27.94 3.67
C ILE B 100 13.47 -29.17 4.17
N ASN B 101 14.23 -30.17 4.61
CA ASN B 101 13.63 -31.44 5.04
C ASN B 101 12.68 -31.29 6.21
N GLY B 102 12.96 -30.33 7.10
CA GLY B 102 12.08 -30.06 8.23
C GLY B 102 10.73 -29.60 7.75
N THR B 103 10.72 -28.82 6.69
CA THR B 103 9.51 -28.29 6.10
C THR B 103 8.73 -29.35 5.29
N LYS B 104 9.45 -30.19 4.56
CA LYS B 104 8.81 -31.27 3.80
C LYS B 104 8.20 -32.30 4.75
N ASN B 105 8.87 -32.55 5.87
CA ASN B 105 8.37 -33.45 6.90
C ASN B 105 7.08 -32.91 7.50
N MET B 106 7.11 -31.64 7.90
CA MET B 106 5.94 -31.02 8.50
C MET B 106 4.76 -31.12 7.56
N PHE B 107 4.98 -30.83 6.29
CA PHE B 107 3.92 -30.79 5.30
C PHE B 107 3.45 -32.19 4.93
N GLU B 108 4.40 -33.07 4.59
CA GLU B 108 4.06 -34.46 4.23
C GLU B 108 3.37 -35.18 5.38
N ALA B 109 3.67 -34.77 6.62
CA ALA B 109 2.98 -35.29 7.80
C ALA B 109 1.51 -34.89 7.80
N ILE B 110 1.23 -33.63 7.45
CA ILE B 110 -0.15 -33.15 7.39
C ILE B 110 -0.91 -33.80 6.21
N LYS B 111 -0.18 -34.18 5.16
CA LYS B 111 -0.79 -34.91 4.05
C LYS B 111 -1.26 -36.30 4.46
N LYS B 112 -0.42 -36.99 5.23
CA LYS B 112 -0.59 -38.41 5.54
C LYS B 112 -1.66 -38.73 6.58
N TYR B 113 -1.62 -38.03 7.72
CA TYR B 113 -2.46 -38.35 8.89
C TYR B 113 -3.54 -37.29 9.22
N ALA B 114 -3.54 -36.15 8.53
CA ALA B 114 -4.51 -35.08 8.80
C ALA B 114 -4.78 -34.19 7.57
N PRO B 115 -5.03 -34.81 6.40
CA PRO B 115 -5.27 -34.01 5.21
C PRO B 115 -6.50 -33.09 5.37
N ASP B 116 -7.60 -33.65 5.88
CA ASP B 116 -8.87 -32.94 6.00
C ASP B 116 -8.91 -31.95 7.16
N THR B 117 -8.24 -32.30 8.25
CA THR B 117 -8.34 -31.57 9.51
C THR B 117 -7.62 -30.21 9.51
N VAL B 118 -6.32 -30.21 9.21
CA VAL B 118 -5.50 -29.02 9.41
C VAL B 118 -6.00 -27.95 8.48
N GLU B 119 -6.53 -26.88 9.06
CA GLU B 119 -7.14 -25.81 8.29
C GLU B 119 -6.13 -24.82 7.74
N ARG B 120 -5.16 -24.44 8.57
CA ARG B 120 -4.23 -23.36 8.24
C ARG B 120 -2.82 -23.73 8.64
N VAL B 121 -1.86 -23.30 7.84
CA VAL B 121 -0.45 -23.37 8.21
C VAL B 121 0.16 -21.98 8.11
N VAL B 122 0.96 -21.63 9.12
CA VAL B 122 1.69 -20.38 9.12
C VAL B 122 3.16 -20.72 9.26
N MET B 123 3.93 -20.41 8.22
CA MET B 123 5.35 -20.71 8.22
C MET B 123 6.18 -19.46 8.47
N THR B 124 7.32 -19.62 9.13
CA THR B 124 8.24 -18.52 9.38
C THR B 124 9.34 -18.56 8.34
N ALA B 125 9.02 -18.09 7.14
CA ALA B 125 10.02 -17.88 6.10
C ALA B 125 10.87 -16.70 6.54
N SER B 126 11.37 -15.89 5.61
CA SER B 126 12.21 -14.76 6.00
C SER B 126 12.25 -13.62 4.99
N TYR B 127 12.58 -12.44 5.51
CA TYR B 127 13.10 -11.32 4.72
C TYR B 127 14.22 -11.82 3.80
N ALA B 128 14.99 -12.81 4.27
CA ALA B 128 16.02 -13.50 3.47
C ALA B 128 15.53 -14.16 2.18
N SER B 129 14.30 -14.68 2.18
CA SER B 129 13.72 -15.29 0.97
C SER B 129 13.11 -14.24 0.01
N ILE B 130 13.34 -12.96 0.29
CA ILE B 130 12.79 -11.84 -0.50
C ILE B 130 13.87 -10.86 -0.94
N MET B 131 14.73 -10.46 0.00
CA MET B 131 15.86 -9.59 -0.30
C MET B 131 16.91 -10.26 -1.20
N THR B 132 17.78 -9.42 -1.75
CA THR B 132 19.00 -9.89 -2.40
C THR B 132 20.14 -9.48 -1.48
N PRO B 133 20.78 -10.47 -0.79
CA PRO B 133 21.81 -10.26 0.25
C PRO B 133 22.91 -9.26 -0.07
N HIS B 134 23.54 -9.46 -1.22
CA HIS B 134 24.63 -8.59 -1.67
C HIS B 134 24.17 -7.21 -2.15
N ARG B 135 22.88 -7.01 -2.37
CA ARG B 135 22.36 -5.72 -2.83
C ARG B 135 21.54 -4.97 -1.76
N GLN B 136 21.67 -5.34 -0.50
CA GLN B 136 20.89 -4.65 0.55
C GLN B 136 21.16 -3.14 0.59
N ASN B 137 22.40 -2.76 0.30
CA ASN B 137 22.79 -1.36 0.31
C ASN B 137 22.51 -0.61 -1.03
N ASP B 138 21.74 -1.23 -1.93
CA ASP B 138 21.46 -0.67 -3.26
C ASP B 138 20.04 -0.06 -3.34
N PRO B 139 19.93 1.28 -3.28
CA PRO B 139 18.63 1.94 -3.18
C PRO B 139 17.77 1.92 -4.44
N THR B 140 18.30 1.43 -5.56
CA THR B 140 17.53 1.30 -6.79
C THR B 140 16.66 0.04 -6.76
N LEU B 141 16.99 -0.90 -5.89
CA LEU B 141 16.19 -2.10 -5.73
C LEU B 141 15.01 -1.80 -4.79
N THR B 142 13.81 -2.20 -5.21
CA THR B 142 12.62 -2.15 -4.36
C THR B 142 12.14 -3.57 -4.07
N LEU B 143 11.85 -3.85 -2.79
CA LEU B 143 11.39 -5.16 -2.37
C LEU B 143 9.93 -5.11 -1.95
N ASP B 144 9.14 -6.03 -2.48
CA ASP B 144 7.76 -6.17 -2.05
C ASP B 144 7.43 -7.64 -1.87
N GLU B 145 6.15 -7.96 -1.67
CA GLU B 145 5.73 -9.30 -1.25
C GLU B 145 5.82 -10.33 -2.37
N GLU B 146 6.10 -9.91 -3.59
CA GLU B 146 6.24 -10.83 -4.69
C GLU B 146 7.72 -11.02 -5.08
N THR B 147 8.62 -10.32 -4.39
CA THR B 147 10.06 -10.41 -4.67
C THR B 147 10.72 -11.65 -4.04
N TRP B 148 11.67 -12.24 -4.76
CA TRP B 148 12.37 -13.44 -4.31
C TRP B 148 13.89 -13.25 -4.30
N ASN B 149 14.57 -13.94 -3.39
CA ASN B 149 16.02 -14.04 -3.41
C ASN B 149 16.42 -14.95 -4.59
N PRO B 150 17.14 -14.38 -5.58
CA PRO B 150 17.49 -15.14 -6.80
C PRO B 150 18.57 -16.20 -6.61
N VAL B 151 19.09 -16.35 -5.39
CA VAL B 151 20.09 -17.38 -5.09
C VAL B 151 19.69 -18.74 -5.65
N THR B 152 20.66 -19.42 -6.25
CA THR B 152 20.49 -20.76 -6.81
C THR B 152 21.26 -21.76 -5.96
N GLU B 153 20.91 -23.03 -6.10
CA GLU B 153 21.58 -24.09 -5.34
C GLU B 153 23.10 -24.05 -5.55
N GLU B 154 23.52 -23.71 -6.77
CA GLU B 154 24.91 -23.82 -7.19
C GLU B 154 25.86 -22.73 -6.63
N ASN B 155 25.32 -21.55 -6.37
CA ASN B 155 26.11 -20.43 -5.82
C ASN B 155 25.66 -19.99 -4.41
N ALA B 156 24.89 -20.86 -3.74
CA ALA B 156 24.28 -20.57 -2.44
C ALA B 156 25.26 -20.69 -1.26
N TYR B 157 26.31 -21.48 -1.44
CA TYR B 157 27.23 -21.81 -0.35
C TYR B 157 28.52 -20.98 -0.41
N GLU B 158 28.43 -19.83 -1.05
CA GLU B 158 29.49 -18.84 -1.13
C GLU B 158 30.09 -18.53 0.25
N ASN B 159 29.21 -18.31 1.21
CA ASN B 159 29.61 -18.15 2.62
C ASN B 159 28.41 -18.39 3.54
N VAL B 160 28.60 -18.26 4.86
CA VAL B 160 27.53 -18.56 5.83
C VAL B 160 26.27 -17.69 5.65
N LYS B 161 26.44 -16.44 5.24
CA LYS B 161 25.33 -15.52 5.05
C LYS B 161 24.49 -15.95 3.86
N THR B 162 25.15 -16.18 2.73
CA THR B 162 24.46 -16.64 1.52
C THR B 162 23.81 -18.02 1.73
N ALA B 163 24.36 -18.80 2.65
CA ALA B 163 23.86 -20.13 2.96
C ALA B 163 22.57 -20.09 3.77
N TYR B 164 22.56 -19.34 4.87
CA TYR B 164 21.36 -19.31 5.71
C TYR B 164 20.19 -18.60 5.05
N CYS B 165 20.49 -17.69 4.12
CA CYS B 165 19.45 -17.04 3.33
C CYS B 165 18.89 -18.01 2.30
N ALA B 166 19.78 -18.75 1.65
CA ALA B 166 19.38 -19.74 0.67
C ALA B 166 18.48 -20.79 1.33
N SER B 167 18.87 -21.20 2.54
CA SER B 167 18.12 -22.18 3.31
C SER B 167 16.67 -21.75 3.53
N LYS B 168 16.48 -20.49 3.92
CA LYS B 168 15.13 -19.93 4.09
C LYS B 168 14.39 -19.87 2.76
N THR B 169 15.13 -19.53 1.71
CA THR B 169 14.58 -19.40 0.38
C THR B 169 14.07 -20.74 -0.19
N PHE B 170 14.91 -21.76 -0.15
CA PHE B 170 14.58 -23.07 -0.76
C PHE B 170 13.48 -23.80 -0.01
N ALA B 171 13.49 -23.67 1.32
CA ALA B 171 12.42 -24.18 2.17
C ALA B 171 11.10 -23.59 1.73
N GLU B 172 11.08 -22.29 1.51
CA GLU B 172 9.86 -21.63 1.12
C GLU B 172 9.35 -22.14 -0.23
N LYS B 173 10.23 -22.21 -1.22
CA LYS B 173 9.86 -22.71 -2.53
C LYS B 173 9.22 -24.10 -2.46
N GLU B 174 9.76 -24.98 -1.60
CA GLU B 174 9.18 -26.32 -1.36
C GLU B 174 7.78 -26.25 -0.78
N ALA B 175 7.58 -25.36 0.16
CA ALA B 175 6.26 -25.13 0.75
C ALA B 175 5.25 -24.84 -0.36
N TRP B 176 5.49 -23.76 -1.09
CA TRP B 176 4.58 -23.33 -2.14
C TRP B 176 4.42 -24.40 -3.21
N LYS B 177 5.55 -24.97 -3.64
CA LYS B 177 5.53 -26.10 -4.57
C LYS B 177 4.53 -27.12 -4.09
N PHE B 178 4.65 -27.49 -2.82
CA PHE B 178 3.77 -28.48 -2.22
C PHE B 178 2.32 -28.04 -2.37
N VAL B 179 2.03 -26.83 -1.91
CA VAL B 179 0.65 -26.34 -1.89
C VAL B 179 0.01 -26.47 -3.27
N LYS B 180 0.73 -26.04 -4.30
CA LYS B 180 0.18 -26.03 -5.66
C LYS B 180 -0.05 -27.44 -6.17
N GLU B 181 0.85 -28.36 -5.85
CA GLU B 181 0.73 -29.71 -6.36
C GLU B 181 -0.41 -30.47 -5.70
N ASN B 182 -0.62 -30.21 -4.41
CA ASN B 182 -1.61 -30.98 -3.64
C ASN B 182 -2.89 -30.21 -3.25
N SER B 183 -3.12 -29.02 -3.81
CA SER B 183 -4.24 -28.18 -3.35
C SER B 183 -5.60 -28.89 -3.36
N ASP B 184 -5.77 -29.90 -4.21
CA ASP B 184 -7.00 -30.72 -4.24
C ASP B 184 -7.07 -31.76 -3.11
N ALA B 185 -5.91 -32.31 -2.74
CA ALA B 185 -5.82 -33.41 -1.76
C ALA B 185 -5.77 -33.00 -0.27
N VAL B 186 -5.36 -31.77 0.01
CA VAL B 186 -5.21 -31.28 1.37
C VAL B 186 -5.99 -29.96 1.53
N LYS B 187 -6.57 -29.73 2.69
CA LYS B 187 -7.41 -28.55 2.92
C LYS B 187 -6.61 -27.30 3.25
N PHE B 188 -5.51 -27.45 4.01
CA PHE B 188 -4.89 -26.29 4.65
C PHE B 188 -4.45 -25.22 3.66
N LYS B 189 -4.45 -23.97 4.13
CA LYS B 189 -4.05 -22.83 3.34
C LYS B 189 -2.80 -22.20 3.93
N LEU B 190 -1.76 -22.08 3.11
CA LEU B 190 -0.47 -21.63 3.58
C LEU B 190 -0.41 -20.12 3.68
N THR B 191 0.27 -19.64 4.72
CA THR B 191 0.60 -18.24 4.90
C THR B 191 2.07 -18.17 5.36
N THR B 192 2.91 -17.41 4.67
CA THR B 192 4.32 -17.29 5.07
C THR B 192 4.63 -15.90 5.61
N ILE B 193 5.47 -15.87 6.65
CA ILE B 193 5.84 -14.64 7.35
C ILE B 193 7.29 -14.38 7.06
N HIS B 194 7.65 -13.11 6.86
CA HIS B 194 9.00 -12.77 6.44
C HIS B 194 9.61 -11.65 7.27
N PRO B 195 10.05 -11.97 8.47
CA PRO B 195 10.66 -10.94 9.29
C PRO B 195 12.07 -10.62 8.83
N SER B 196 12.47 -9.37 9.05
CA SER B 196 13.85 -8.93 8.91
C SER B 196 14.57 -9.22 10.24
N PHE B 197 15.68 -8.53 10.51
CA PHE B 197 16.42 -8.74 11.76
C PHE B 197 15.52 -8.51 12.95
N VAL B 198 15.11 -9.60 13.60
CA VAL B 198 14.17 -9.50 14.72
C VAL B 198 14.92 -9.09 15.99
N PHE B 199 14.59 -7.92 16.52
CA PHE B 199 15.06 -7.50 17.82
C PHE B 199 13.88 -7.41 18.78
N GLY B 200 14.18 -7.21 20.06
CA GLY B 200 13.15 -7.19 21.09
C GLY B 200 13.54 -7.99 22.30
N PRO B 201 12.81 -7.78 23.40
CA PRO B 201 13.11 -8.42 24.67
C PRO B 201 12.70 -9.89 24.68
N GLN B 202 13.42 -10.69 25.45
CA GLN B 202 13.14 -12.11 25.59
C GLN B 202 11.80 -12.27 26.29
N ASN B 203 10.98 -13.20 25.82
CA ASN B 203 9.68 -13.41 26.43
C ASN B 203 9.74 -13.60 27.93
N PHE B 204 10.78 -14.29 28.41
CA PHE B 204 10.98 -14.46 29.86
C PHE B 204 12.26 -13.75 30.32
N ASP B 205 12.15 -12.99 31.40
CA ASP B 205 13.30 -12.28 31.98
C ASP B 205 14.48 -13.21 32.30
N GLU B 206 14.18 -14.42 32.76
CA GLU B 206 15.21 -15.40 33.15
C GLU B 206 16.05 -15.87 31.95
N ASP B 207 15.46 -15.82 30.75
CA ASP B 207 16.16 -16.21 29.53
C ASP B 207 17.24 -15.24 29.07
N VAL B 208 17.37 -14.10 29.76
CA VAL B 208 18.51 -13.20 29.57
C VAL B 208 19.77 -13.88 30.09
N THR B 209 20.47 -14.57 29.20
CA THR B 209 21.71 -15.28 29.53
C THR B 209 22.92 -14.42 29.13
N LYS B 210 24.12 -14.96 29.32
CA LYS B 210 25.37 -14.29 28.91
C LYS B 210 25.40 -14.07 27.39
N LYS B 211 24.88 -15.04 26.66
CA LYS B 211 24.84 -14.99 25.21
C LYS B 211 23.43 -15.35 24.74
N LEU B 212 22.80 -14.42 24.02
CA LEU B 212 21.40 -14.56 23.58
C LEU B 212 21.32 -15.29 22.26
N ASN B 213 20.09 -15.46 21.75
CA ASN B 213 19.88 -15.95 20.40
C ASN B 213 20.60 -15.08 19.38
N GLU B 214 20.77 -15.57 18.16
CA GLU B 214 21.73 -14.97 17.21
C GLU B 214 21.54 -13.47 17.02
N THR B 215 20.33 -13.03 16.68
CA THR B 215 20.12 -11.63 16.29
C THR B 215 20.11 -10.67 17.47
N CYS B 216 19.50 -11.09 18.58
CA CYS B 216 19.52 -10.26 19.78
C CYS B 216 20.94 -10.19 20.36
N GLU B 217 21.75 -11.24 20.17
CA GLU B 217 23.15 -11.20 20.57
C GLU B 217 23.89 -10.01 19.93
N ILE B 218 23.44 -9.60 18.74
CA ILE B 218 23.99 -8.40 18.12
C ILE B 218 23.93 -7.26 19.12
N ILE B 219 22.77 -7.05 19.73
CA ILE B 219 22.57 -5.96 20.69
C ILE B 219 23.28 -6.25 22.00
N ASN B 220 23.13 -7.47 22.49
CA ASN B 220 23.77 -7.90 23.72
C ASN B 220 25.29 -7.70 23.67
N GLY B 221 25.91 -8.08 22.54
CA GLY B 221 27.35 -7.96 22.38
C GLY B 221 27.79 -6.52 22.41
N LEU B 222 27.06 -5.70 21.66
CA LEU B 222 27.32 -4.25 21.57
C LEU B 222 27.22 -3.55 22.91
N LEU B 223 26.24 -3.95 23.70
CA LEU B 223 25.96 -3.34 24.99
C LEU B 223 27.04 -3.61 26.02
N HIS B 224 27.69 -4.77 25.90
CA HIS B 224 28.78 -5.14 26.78
C HIS B 224 30.14 -4.92 26.16
N ALA B 225 30.18 -4.37 24.95
CA ALA B 225 31.45 -4.16 24.26
C ALA B 225 32.31 -3.14 25.00
N PRO B 226 33.65 -3.29 24.95
CA PRO B 226 34.51 -2.28 25.55
C PRO B 226 34.28 -0.91 24.92
N PHE B 227 34.68 0.16 25.59
CA PHE B 227 34.34 1.52 25.15
C PHE B 227 34.80 1.90 23.74
N ASP B 228 36.04 1.56 23.37
CA ASP B 228 36.60 2.05 22.09
C ASP B 228 36.46 1.07 20.90
N THR B 229 35.55 0.11 20.99
CA THR B 229 35.35 -0.85 19.90
C THR B 229 34.88 -0.16 18.61
N LYS B 230 35.25 -0.73 17.48
CA LYS B 230 34.86 -0.23 16.15
C LYS B 230 33.38 -0.57 15.94
N VAL B 231 32.54 0.43 15.73
CA VAL B 231 31.10 0.23 15.52
C VAL B 231 30.72 0.66 14.10
N GLU B 232 30.14 -0.25 13.31
CA GLU B 232 29.77 0.07 11.93
C GLU B 232 28.59 1.06 11.89
N LYS B 233 28.83 2.24 11.31
CA LYS B 233 27.81 3.28 11.19
C LYS B 233 27.22 3.38 9.77
N THR B 234 27.59 2.44 8.91
CA THR B 234 26.99 2.34 7.59
C THR B 234 25.71 1.53 7.72
N HIS B 235 24.78 1.73 6.79
CA HIS B 235 23.52 0.98 6.77
C HIS B 235 23.81 -0.51 6.69
N PHE B 236 23.03 -1.29 7.42
CA PHE B 236 23.28 -2.70 7.62
C PHE B 236 22.12 -3.51 7.07
N SER B 237 20.94 -3.38 7.68
CA SER B 237 19.76 -4.13 7.23
C SER B 237 18.48 -3.57 7.87
N GLN B 238 17.37 -4.30 7.67
CA GLN B 238 16.08 -3.94 8.25
C GLN B 238 15.82 -4.71 9.55
N PHE B 239 14.98 -4.16 10.41
CA PHE B 239 14.61 -4.79 11.68
C PHE B 239 13.09 -4.92 11.76
N ILE B 240 12.62 -5.70 12.73
CA ILE B 240 11.21 -5.72 13.10
C ILE B 240 11.05 -6.28 14.53
N ASP B 241 10.21 -5.66 15.34
CA ASP B 241 10.06 -6.08 16.74
C ASP B 241 9.45 -7.48 16.86
N VAL B 242 10.10 -8.32 17.65
CA VAL B 242 9.62 -9.68 17.94
C VAL B 242 8.14 -9.73 18.35
N ARG B 243 7.68 -8.76 19.11
CA ARG B 243 6.28 -8.76 19.53
C ARG B 243 5.37 -8.61 18.32
N ASP B 244 5.75 -7.75 17.37
CA ASP B 244 5.03 -7.62 16.11
C ASP B 244 4.97 -8.94 15.36
N VAL B 245 6.09 -9.67 15.36
CA VAL B 245 6.18 -10.96 14.68
C VAL B 245 5.19 -11.95 15.28
N ALA B 246 5.23 -12.07 16.60
CA ALA B 246 4.34 -13.01 17.28
C ALA B 246 2.91 -12.76 16.88
N LYS B 247 2.44 -11.54 17.14
CA LYS B 247 1.07 -11.15 16.84
C LYS B 247 0.72 -11.57 15.43
N THR B 248 1.66 -11.33 14.51
CA THR B 248 1.46 -11.57 13.09
C THR B 248 1.26 -13.05 12.76
N HIS B 249 2.03 -13.90 13.41
CA HIS B 249 1.89 -15.33 13.20
C HIS B 249 0.50 -15.83 13.55
N VAL B 250 -0.02 -15.39 14.70
CA VAL B 250 -1.34 -15.85 15.15
C VAL B 250 -2.41 -15.31 14.22
N LEU B 251 -2.36 -14.00 13.93
CA LEU B 251 -3.23 -13.43 12.91
C LEU B 251 -3.18 -14.24 11.62
N GLY B 252 -2.00 -14.73 11.28
CA GLY B 252 -1.79 -15.59 10.13
C GLY B 252 -2.82 -16.68 9.91
N PHE B 253 -3.21 -17.37 10.97
CA PHE B 253 -4.20 -18.44 10.84
C PHE B 253 -5.64 -17.98 11.10
N GLN B 254 -5.80 -16.81 11.73
CA GLN B 254 -7.13 -16.27 12.06
C GLN B 254 -7.80 -15.57 10.87
N LYS B 255 -7.22 -14.46 10.43
CA LYS B 255 -7.85 -13.63 9.39
C LYS B 255 -7.88 -14.34 8.02
N ASP B 256 -9.10 -14.54 7.48
CA ASP B 256 -9.29 -15.04 6.10
C ASP B 256 -8.39 -14.35 5.08
N GLU B 257 -8.37 -13.03 5.18
CA GLU B 257 -7.65 -12.16 4.26
C GLU B 257 -6.13 -12.40 4.15
N LEU B 258 -5.56 -13.20 5.06
CA LEU B 258 -4.13 -13.53 5.02
C LEU B 258 -3.82 -14.89 4.40
N ILE B 259 -4.81 -15.51 3.74
CA ILE B 259 -4.61 -16.76 3.00
C ILE B 259 -3.73 -16.51 1.76
N ASN B 260 -2.82 -17.44 1.50
CA ASN B 260 -1.90 -17.39 0.36
C ASN B 260 -1.01 -16.16 0.29
N GLN B 261 -0.76 -15.50 1.42
CA GLN B 261 -0.01 -14.26 1.42
C GLN B 261 1.41 -14.46 1.90
N ARG B 262 2.32 -13.65 1.36
CA ARG B 262 3.68 -13.53 1.88
C ARG B 262 3.77 -12.20 2.61
N LEU B 263 3.90 -12.25 3.92
CA LEU B 263 3.86 -11.04 4.72
C LEU B 263 5.26 -10.56 5.08
N LEU B 264 5.60 -9.40 4.54
CA LEU B 264 6.94 -8.83 4.67
C LEU B 264 7.02 -7.91 5.88
N LEU B 265 7.82 -8.30 6.87
CA LEU B 265 7.95 -7.57 8.12
C LEU B 265 9.27 -6.81 8.26
N CYS B 266 9.28 -5.56 7.80
CA CYS B 266 10.36 -4.64 8.08
C CYS B 266 9.71 -3.40 8.67
N ASN B 267 10.44 -2.65 9.48
CA ASN B 267 9.94 -1.39 9.99
C ASN B 267 11.00 -0.32 10.22
N GLY B 268 12.15 -0.44 9.57
CA GLY B 268 13.21 0.55 9.74
C GLY B 268 14.58 0.09 9.28
N ALA B 269 15.30 0.99 8.65
CA ALA B 269 16.69 0.74 8.29
C ALA B 269 17.53 1.10 9.51
N PHE B 270 18.60 0.34 9.76
CA PHE B 270 19.47 0.62 10.89
C PHE B 270 20.92 0.27 10.64
N SER B 271 21.80 0.93 11.39
CA SER B 271 23.21 0.54 11.54
C SER B 271 23.51 0.12 12.98
N GLN B 272 24.70 -0.41 13.20
CA GLN B 272 25.15 -0.76 14.54
C GLN B 272 25.24 0.49 15.40
N GLN B 273 25.76 1.57 14.85
CA GLN B 273 25.86 2.81 15.60
C GLN B 273 24.49 3.32 16.04
N ASP B 274 23.48 3.19 15.16
CA ASP B 274 22.11 3.65 15.46
C ASP B 274 21.51 2.94 16.68
N ILE B 275 21.87 1.67 16.86
CA ILE B 275 21.53 0.89 18.07
C ILE B 275 22.27 1.42 19.29
N VAL B 276 23.58 1.66 19.13
CA VAL B 276 24.44 2.16 20.22
C VAL B 276 24.00 3.54 20.72
N ASN B 277 23.43 4.34 19.84
CA ASN B 277 22.94 5.66 20.25
C ASN B 277 21.75 5.56 21.21
N VAL B 278 20.95 4.49 21.07
CA VAL B 278 19.85 4.23 22.00
C VAL B 278 20.38 3.89 23.39
N PHE B 279 21.55 3.24 23.46
CA PHE B 279 22.19 2.98 24.75
C PHE B 279 22.42 4.31 25.42
N ASN B 280 23.11 5.19 24.71
CA ASN B 280 23.55 6.47 25.28
C ASN B 280 22.43 7.46 25.52
N GLU B 281 21.39 7.39 24.69
CA GLU B 281 20.27 8.32 24.78
C GLU B 281 19.37 7.99 25.97
N ASP B 282 18.98 6.73 26.10
CA ASP B 282 18.01 6.28 27.10
C ASP B 282 18.59 5.95 28.48
N PHE B 283 19.89 5.70 28.56
CA PHE B 283 20.55 5.37 29.83
C PHE B 283 21.80 6.23 29.99
N PRO B 284 21.62 7.56 30.06
CA PRO B 284 22.76 8.46 30.04
C PRO B 284 23.74 8.23 31.21
N GLU B 285 23.22 7.73 32.34
CA GLU B 285 24.04 7.50 33.53
C GLU B 285 25.18 6.47 33.31
N LEU B 286 25.03 5.60 32.32
CA LEU B 286 26.02 4.56 32.04
C LEU B 286 26.97 4.90 30.90
N LYS B 287 27.11 6.19 30.55
CA LYS B 287 28.05 6.59 29.50
C LYS B 287 29.46 6.20 29.91
N GLY B 288 30.15 5.47 29.04
CA GLY B 288 31.49 4.96 29.36
C GLY B 288 31.57 3.44 29.44
N GLN B 289 30.44 2.80 29.76
CA GLN B 289 30.38 1.33 29.94
C GLN B 289 30.01 0.56 28.66
N PHE B 290 29.83 1.30 27.57
CA PHE B 290 29.65 0.74 26.23
C PHE B 290 30.20 1.77 25.24
N PRO B 291 30.25 1.43 23.94
CA PRO B 291 30.70 2.41 22.96
C PRO B 291 29.94 3.75 22.99
N PRO B 292 30.51 4.81 22.42
CA PRO B 292 29.94 6.14 22.54
C PRO B 292 28.87 6.47 21.48
N GLU B 293 28.27 7.65 21.62
CA GLU B 293 27.20 8.11 20.73
C GLU B 293 27.79 8.87 19.54
N ASP B 294 27.38 8.50 18.33
CA ASP B 294 27.76 9.25 17.12
C ASP B 294 26.56 9.32 16.18
N LYS B 295 26.17 10.54 15.84
CA LYS B 295 24.93 10.75 15.08
C LYS B 295 25.13 10.56 13.58
N ASP B 296 26.26 11.03 13.03
CA ASP B 296 26.56 10.83 11.61
C ASP B 296 26.48 9.33 11.33
N THR B 297 25.26 8.87 11.05
CA THR B 297 25.01 7.49 10.67
C THR B 297 24.27 7.54 9.36
N ASP B 298 24.39 6.48 8.55
CA ASP B 298 23.67 6.42 7.29
C ASP B 298 22.16 6.68 7.50
N LEU B 299 21.60 6.17 8.61
CA LEU B 299 20.20 6.45 8.93
C LEU B 299 19.86 7.94 9.02
N ASN B 300 20.58 8.70 9.85
CA ASN B 300 20.28 10.13 10.05
C ASN B 300 20.60 11.01 8.83
N LYS B 301 21.55 10.58 7.99
CA LYS B 301 21.78 11.21 6.67
C LYS B 301 20.55 11.06 5.75
N GLY B 302 19.76 10.01 5.97
CA GLY B 302 18.64 9.65 5.11
C GLY B 302 18.91 8.42 4.26
N VAL B 303 20.02 7.73 4.52
CA VAL B 303 20.45 6.55 3.74
C VAL B 303 19.92 5.26 4.36
N THR B 304 19.09 4.55 3.60
CA THR B 304 18.36 3.39 4.11
C THR B 304 18.57 2.13 3.27
N GLY B 305 19.45 2.19 2.29
CA GLY B 305 19.63 1.05 1.39
C GLY B 305 18.42 0.80 0.53
N CYS B 306 18.13 -0.47 0.23
CA CYS B 306 17.06 -0.79 -0.70
C CYS B 306 15.71 -0.42 -0.11
N LYS B 307 14.72 -0.23 -1.00
CA LYS B 307 13.40 0.23 -0.61
C LYS B 307 12.50 -0.96 -0.22
N ILE B 308 11.66 -0.75 0.78
CA ILE B 308 10.73 -1.77 1.23
C ILE B 308 9.30 -1.33 0.93
N ASP B 309 8.71 -1.97 -0.07
CA ASP B 309 7.31 -1.77 -0.38
C ASP B 309 6.55 -2.87 0.31
N ASN B 310 6.23 -2.65 1.60
CA ASN B 310 5.39 -3.58 2.34
C ASN B 310 4.07 -2.92 2.76
N GLU B 311 3.49 -2.16 1.83
CA GLU B 311 2.23 -1.48 2.08
C GLU B 311 1.07 -2.47 2.08
N LYS B 312 1.10 -3.47 1.21
CA LYS B 312 0.06 -4.49 1.22
C LYS B 312 0.08 -5.24 2.54
N THR B 313 1.28 -5.50 3.05
CA THR B 313 1.44 -6.19 4.32
C THR B 313 0.83 -5.37 5.45
N LYS B 314 1.27 -4.13 5.58
CA LYS B 314 0.84 -3.27 6.67
C LYS B 314 -0.68 -3.08 6.68
N LYS B 315 -1.25 -2.89 5.50
CA LYS B 315 -2.71 -2.74 5.34
C LYS B 315 -3.44 -3.99 5.83
N LEU B 316 -3.03 -5.14 5.32
CA LEU B 316 -3.64 -6.41 5.68
C LEU B 316 -3.59 -6.73 7.17
N LEU B 317 -2.45 -6.45 7.80
CA LEU B 317 -2.27 -6.73 9.22
C LEU B 317 -3.05 -5.75 10.11
N ALA B 318 -3.13 -4.50 9.66
CA ALA B 318 -3.92 -3.46 10.30
C ALA B 318 -3.18 -2.74 11.44
N PHE B 319 -2.43 -3.47 12.27
CA PHE B 319 -1.82 -2.85 13.46
C PHE B 319 -0.52 -2.15 13.12
N GLU B 320 -0.13 -1.22 13.98
CA GLU B 320 1.06 -0.41 13.75
C GLU B 320 2.27 -1.11 14.37
N PHE B 321 3.36 -1.20 13.61
CA PHE B 321 4.56 -1.87 14.09
C PHE B 321 5.29 -1.00 15.10
N THR B 322 6.20 -1.62 15.84
CA THR B 322 6.88 -0.96 16.93
C THR B 322 8.09 -0.18 16.42
N PRO B 323 8.21 1.09 16.83
CA PRO B 323 9.36 1.90 16.43
C PRO B 323 10.69 1.36 16.95
N PHE B 324 11.70 1.47 16.10
CA PHE B 324 13.09 1.07 16.39
C PHE B 324 13.52 1.51 17.78
N HIS B 325 13.28 2.77 18.10
CA HIS B 325 13.70 3.31 19.38
C HIS B 325 13.13 2.53 20.55
N LYS B 326 11.85 2.16 20.45
CA LYS B 326 11.20 1.36 21.48
C LYS B 326 11.81 -0.04 21.57
N THR B 327 11.92 -0.71 20.41
CA THR B 327 12.40 -2.09 20.36
C THR B 327 13.78 -2.25 20.97
N ILE B 328 14.70 -1.36 20.61
CA ILE B 328 16.04 -1.43 21.13
C ILE B 328 16.04 -1.13 22.64
N HIS B 329 15.32 -0.07 23.03
CA HIS B 329 15.22 0.30 24.44
C HIS B 329 14.75 -0.89 25.31
N ASP B 330 13.60 -1.47 24.93
CA ASP B 330 13.02 -2.59 25.68
C ASP B 330 13.97 -3.80 25.77
N THR B 331 14.63 -4.12 24.66
CA THR B 331 15.62 -5.19 24.63
C THR B 331 16.71 -4.89 25.66
N VAL B 332 17.24 -3.66 25.58
CA VAL B 332 18.32 -3.22 26.46
C VAL B 332 17.91 -3.14 27.92
N TYR B 333 16.77 -2.52 28.20
CA TYR B 333 16.33 -2.36 29.59
C TYR B 333 16.27 -3.71 30.30
N GLN B 334 15.66 -4.69 29.64
CA GLN B 334 15.47 -6.04 30.17
C GLN B 334 16.78 -6.66 30.65
N ILE B 335 17.82 -6.46 29.85
CA ILE B 335 19.13 -7.02 30.12
C ILE B 335 19.75 -6.29 31.31
N LEU B 336 19.88 -4.97 31.20
CA LEU B 336 20.48 -4.17 32.27
C LEU B 336 19.74 -4.33 33.58
N HIS B 337 18.42 -4.51 33.50
CA HIS B 337 17.60 -4.64 34.69
C HIS B 337 17.77 -6.02 35.31
N LYS B 338 17.78 -7.06 34.46
CA LYS B 338 18.14 -8.42 34.93
C LYS B 338 19.51 -8.42 35.59
N GLU B 339 20.44 -7.63 35.05
CA GLU B 339 21.78 -7.47 35.62
C GLU B 339 21.82 -6.59 36.89
N GLY B 340 20.74 -5.86 37.17
CA GLY B 340 20.66 -5.02 38.35
C GLY B 340 21.36 -3.68 38.24
N ARG B 341 21.68 -3.27 37.02
CA ARG B 341 22.39 -2.01 36.77
C ARG B 341 21.45 -0.78 36.76
N VAL B 342 20.13 -1.01 36.72
CA VAL B 342 19.14 0.09 36.66
C VAL B 342 17.90 -0.16 37.52
PA NAP C . -15.33 20.64 -17.08
O1A NAP C . -14.27 21.45 -17.80
O2A NAP C . -16.67 21.28 -16.87
O5B NAP C . -15.58 19.26 -17.85
C5B NAP C . -16.87 18.69 -17.99
C4B NAP C . -17.26 18.65 -19.46
O4B NAP C . -18.49 17.95 -19.56
C3B NAP C . -17.44 20.04 -20.06
O3B NAP C . -17.01 20.14 -21.43
C2B NAP C . -18.93 20.22 -20.01
O2B NAP C . -19.41 21.10 -21.02
C1B NAP C . -19.45 18.81 -20.18
N9A NAP C . -20.79 18.65 -19.57
C8A NAP C . -21.17 18.98 -18.32
N7A NAP C . -22.48 18.69 -18.15
C5A NAP C . -22.95 18.18 -19.30
C6A NAP C . -24.25 17.67 -19.80
N6A NAP C . -25.33 17.66 -18.99
N1A NAP C . -24.30 17.23 -21.08
C2A NAP C . -23.22 17.24 -21.90
N3A NAP C . -22.01 17.69 -21.52
C4A NAP C . -21.82 18.17 -20.25
O3 NAP C . -14.77 20.16 -15.64
PN NAP C . -13.65 19.01 -15.38
O1N NAP C . -12.88 18.77 -16.66
O2N NAP C . -12.94 19.40 -14.11
O5D NAP C . -14.51 17.68 -15.07
C5D NAP C . -14.51 16.55 -15.93
C4D NAP C . -14.84 15.30 -15.12
O4D NAP C . -13.92 15.14 -14.04
C3D NAP C . -16.21 15.32 -14.45
O3D NAP C . -16.74 14.01 -14.53
C2D NAP C . -15.92 15.72 -13.01
O2D NAP C . -16.94 15.25 -12.12
C1D NAP C . -14.58 15.04 -12.78
N1N NAP C . -13.75 15.60 -11.71
C2N NAP C . -13.18 16.82 -11.83
C3N NAP C . -12.39 17.33 -10.80
C7N NAP C . -11.73 18.68 -10.87
O7N NAP C . -10.90 18.96 -10.01
N7N NAP C . -12.05 19.56 -11.81
C4N NAP C . -12.20 16.57 -9.67
C5N NAP C . -12.78 15.32 -9.58
C6N NAP C . -13.56 14.85 -10.62
P2B NAP C . -20.01 22.54 -20.60
O1X NAP C . -18.83 23.26 -19.97
O2X NAP C . -20.43 23.07 -21.96
O3X NAP C . -21.12 22.22 -19.62
C1 EDO D . -15.79 17.68 -8.41
O1 EDO D . -15.24 17.84 -7.10
C2 EDO D . -16.21 16.23 -8.60
O2 EDO D . -17.24 16.12 -9.59
PA NAP E . 16.09 -19.59 17.69
O1A NAP E . 17.45 -20.24 17.50
O2A NAP E . 15.74 -19.02 19.03
O5B NAP E . 14.91 -20.60 17.31
C5B NAP E . 15.10 -21.79 16.56
C4B NAP E . 14.35 -22.91 17.27
O4B NAP E . 14.26 -24.06 16.44
C3B NAP E . 15.13 -23.33 18.50
O3B NAP E . 14.25 -23.84 19.52
C2B NAP E . 15.99 -24.45 17.97
O2B NAP E . 16.40 -25.32 19.01
C1B NAP E . 15.05 -25.12 16.98
N9A NAP E . 15.78 -25.89 15.94
C8A NAP E . 16.76 -25.44 15.14
N7A NAP E . 17.18 -26.42 14.29
C5A NAP E . 16.45 -27.52 14.56
C6A NAP E . 16.38 -28.92 14.06
N6A NAP E . 17.19 -29.36 13.07
N1A NAP E . 15.47 -29.74 14.63
C2A NAP E . 14.64 -29.34 15.63
N3A NAP E . 14.66 -28.09 16.14
C4A NAP E . 15.53 -27.16 15.66
O3 NAP E . 15.97 -18.44 16.57
PN NAP E . 14.63 -17.61 16.21
O1N NAP E . 15.10 -16.23 15.87
O2N NAP E . 13.57 -17.82 17.27
O5D NAP E . 14.11 -18.27 14.86
C5D NAP E . 12.86 -18.98 14.81
C4D NAP E . 12.29 -18.90 13.40
O4D NAP E . 12.23 -17.54 12.97
C3D NAP E . 13.15 -19.65 12.40
O3D NAP E . 12.34 -20.46 11.53
C2D NAP E . 13.85 -18.56 11.63
O2D NAP E . 14.12 -18.98 10.30
C1D NAP E . 12.86 -17.42 11.70
N1N NAP E . 13.44 -16.09 11.54
C2N NAP E . 14.20 -15.52 12.50
C3N NAP E . 14.74 -14.23 12.32
C7N NAP E . 15.60 -13.53 13.34
O7N NAP E . 15.80 -12.34 13.22
N7N NAP E . 16.15 -14.19 14.36
C4N NAP E . 14.47 -13.55 11.15
C5N NAP E . 13.68 -14.17 10.20
C6N NAP E . 13.18 -15.44 10.41
P2B NAP E . 17.92 -25.33 19.56
O1X NAP E . 18.23 -23.95 20.10
O2X NAP E . 17.87 -26.39 20.64
O3X NAP E . 18.69 -25.69 18.29
C1 EDO F . 17.72 -15.44 9.23
O1 EDO F . 18.05 -14.07 9.00
C2 EDO F . 16.44 -15.76 8.49
O2 EDO F . 15.89 -17.01 8.92
#